data_1EJZ
# 
_entry.id   1EJZ 
# 
_audit_conform.dict_name       mmcif_pdbx.dic 
_audit_conform.dict_version    5.392 
_audit_conform.dict_location   http://mmcif.pdb.org/dictionaries/ascii/mmcif_pdbx.dic 
# 
loop_
_database_2.database_id 
_database_2.database_code 
_database_2.pdbx_database_accession 
_database_2.pdbx_DOI 
PDB   1EJZ         pdb_00001ejz 10.2210/pdb1ejz/pdb 
RCSB  RCSB010657   ?            ?                   
WWPDB D_1000010657 ?            ?                   
# 
loop_
_pdbx_audit_revision_history.ordinal 
_pdbx_audit_revision_history.data_content_type 
_pdbx_audit_revision_history.major_revision 
_pdbx_audit_revision_history.minor_revision 
_pdbx_audit_revision_history.revision_date 
1 'Structure model' 1 0 2000-10-23 
2 'Structure model' 1 1 2008-04-27 
3 'Structure model' 1 2 2011-07-13 
4 'Structure model' 1 3 2022-02-16 
5 'Structure model' 1 4 2024-05-22 
# 
_pdbx_audit_revision_details.ordinal             1 
_pdbx_audit_revision_details.revision_ordinal    1 
_pdbx_audit_revision_details.data_content_type   'Structure model' 
_pdbx_audit_revision_details.provider            repository 
_pdbx_audit_revision_details.type                'Initial release' 
_pdbx_audit_revision_details.description         ? 
_pdbx_audit_revision_details.details             ? 
# 
loop_
_pdbx_audit_revision_group.ordinal 
_pdbx_audit_revision_group.revision_ordinal 
_pdbx_audit_revision_group.data_content_type 
_pdbx_audit_revision_group.group 
1 2 'Structure model' 'Version format compliance' 
2 3 'Structure model' 'Version format compliance' 
3 4 'Structure model' 'Data collection'           
4 4 'Structure model' 'Database references'       
5 4 'Structure model' 'Derived calculations'      
6 5 'Structure model' 'Data collection'           
# 
loop_
_pdbx_audit_revision_category.ordinal 
_pdbx_audit_revision_category.revision_ordinal 
_pdbx_audit_revision_category.data_content_type 
_pdbx_audit_revision_category.category 
1 4 'Structure model' database_2            
2 4 'Structure model' pdbx_nmr_software     
3 4 'Structure model' pdbx_struct_assembly  
4 4 'Structure model' pdbx_struct_oper_list 
5 4 'Structure model' struct_conn           
6 4 'Structure model' struct_site           
7 5 'Structure model' chem_comp_atom        
8 5 'Structure model' chem_comp_bond        
# 
loop_
_pdbx_audit_revision_item.ordinal 
_pdbx_audit_revision_item.revision_ordinal 
_pdbx_audit_revision_item.data_content_type 
_pdbx_audit_revision_item.item 
1  4 'Structure model' '_database_2.pdbx_DOI'                
2  4 'Structure model' '_database_2.pdbx_database_accession' 
3  4 'Structure model' '_pdbx_nmr_software.name'             
4  4 'Structure model' '_struct_conn.pdbx_dist_value'        
5  4 'Structure model' '_struct_conn.pdbx_leaving_atom_flag' 
6  4 'Structure model' '_struct_conn.ptnr1_auth_comp_id'     
7  4 'Structure model' '_struct_conn.ptnr1_auth_seq_id'      
8  4 'Structure model' '_struct_conn.ptnr1_label_comp_id'    
9  4 'Structure model' '_struct_conn.ptnr1_label_seq_id'     
10 4 'Structure model' '_struct_conn.ptnr2_auth_comp_id'     
11 4 'Structure model' '_struct_conn.ptnr2_auth_seq_id'      
12 4 'Structure model' '_struct_conn.ptnr2_label_asym_id'    
13 4 'Structure model' '_struct_conn.ptnr2_label_comp_id'    
14 4 'Structure model' '_struct_conn.ptnr2_label_seq_id'     
15 4 'Structure model' '_struct_site.pdbx_auth_asym_id'      
16 4 'Structure model' '_struct_site.pdbx_auth_comp_id'      
17 4 'Structure model' '_struct_site.pdbx_auth_seq_id'       
# 
_pdbx_database_status.status_code                     REL 
_pdbx_database_status.entry_id                        1EJZ 
_pdbx_database_status.recvd_initial_deposition_date   2000-03-06 
_pdbx_database_status.deposit_site                    RCSB 
_pdbx_database_status.process_site                    RCSB 
_pdbx_database_status.SG_entry                        . 
_pdbx_database_status.pdb_format_compatible           Y 
_pdbx_database_status.status_code_mr                  ? 
_pdbx_database_status.status_code_sf                  ? 
_pdbx_database_status.status_code_cs                  ? 
_pdbx_database_status.status_code_nmr_data            ? 
_pdbx_database_status.methods_development_category    ? 
# 
_pdbx_database_related.db_name        PDB 
_pdbx_database_related.db_id          1EC4 
_pdbx_database_related.details        'Solution Structure of a Hexitol Nucleic Acid Duplex with Four Consecustive T:T Base Pairs' 
_pdbx_database_related.content_type   unspecified 
# 
loop_
_audit_author.name 
_audit_author.pdbx_ordinal 
'Lescrnier, E.' 1 
'Esnouf, R.'    2 
'Heus, H.A.'    3 
'Hilbers, C.W.' 4 
'Herdewijn, P.' 5 
# 
loop_
_citation.id 
_citation.title 
_citation.journal_abbrev 
_citation.journal_volume 
_citation.page_first 
_citation.page_last 
_citation.year 
_citation.journal_id_ASTM 
_citation.country 
_citation.journal_id_ISSN 
_citation.journal_id_CSD 
_citation.book_publisher 
_citation.pdbx_database_id_PubMed 
_citation.pdbx_database_id_DOI 
primary 'Solution structure of a HNA-RNA hybrid.'                                                                       Chem.Biol. 
7   719  731  2000 CBOLE2 UK 1074-5521 2050 ? 10980452 '10.1016/S1074-5521(00)00017-X' 
1       'Minor Groove Hydration Contributes to the relative Stability of HNA/RNA Hybrids Compared to HNA/DNA Complexes' 
J.Am.Chem.Soc. 120 5381 5394 1998 JACSAT US 0002-7863 0004 ? ?        10.1021/ja973721f               
# 
loop_
_citation_author.citation_id 
_citation_author.name 
_citation_author.ordinal 
_citation_author.identifier_ORCID 
primary 'Lescrinier, E.'   1  ? 
primary 'Esnouf, R.'       2  ? 
primary 'Schraml, J.'      3  ? 
primary 'Busson, R.'       4  ? 
primary 'Heus, H.'         5  ? 
primary 'Hilbers, C.'      6  ? 
primary 'Herdewijn, P.'    7  ? 
1       'De Winter, H.'    8  ? 
1       'Lescrinier, E.'   9  ? 
1       'Van Aerschot, A.' 10 ? 
1       'Herdewijn, P.'    11 ? 
# 
loop_
_entity.id 
_entity.type 
_entity.src_method 
_entity.pdbx_description 
_entity.formula_weight 
_entity.pdbx_number_of_molecules 
_entity.pdbx_ec 
_entity.pdbx_mutation 
_entity.pdbx_fragment 
_entity.details 
1 polymer     syn 
;RNA (5'-R(*CP*GP*CP*UP*AP*CP*GP*C)-3')
;
2501.553 1 ? ? ? ?                                                              
2 polymer     syn 
;DNA (5'-H(*(6HG)P*(6HC)P*(6HG)P*(6HT)P*(6HA)P*(6HG)P*(6HC)P*(6HG))-3')
;
2579.844 1 ? ? ? 'THE SUGAR MOIETIES ARE NOT DEOXYRIBOSE BUT D-ARABINO-HEXITOL' 
3 non-polymer syn 'PHOSPHORIC ACID MONO-(3-HYDROXY-PROPYL) ESTER'                          156.074  1 ? ? ? ? 
# 
loop_
_entity_poly.entity_id 
_entity_poly.type 
_entity_poly.nstd_linkage 
_entity_poly.nstd_monomer 
_entity_poly.pdbx_seq_one_letter_code 
_entity_poly.pdbx_seq_one_letter_code_can 
_entity_poly.pdbx_strand_id 
_entity_poly.pdbx_target_identifier 
1 polyribonucleotide      no no  CGCUACGC                                   CGCUACGC A ? 
2 polydeoxyribonucleotide no yes '(6HG)(6HC)(6HG)(6HT)(6HA)(6HG)(6HC)(6HG)' GCGTAGCG B ? 
# 
_pdbx_entity_nonpoly.entity_id   3 
_pdbx_entity_nonpoly.name        'PHOSPHORIC ACID MONO-(3-HYDROXY-PROPYL) ESTER' 
_pdbx_entity_nonpoly.comp_id     PDI 
# 
loop_
_entity_poly_seq.entity_id 
_entity_poly_seq.num 
_entity_poly_seq.mon_id 
_entity_poly_seq.hetero 
1 1 C   n 
1 2 G   n 
1 3 C   n 
1 4 U   n 
1 5 A   n 
1 6 C   n 
1 7 G   n 
1 8 C   n 
2 1 6HG n 
2 2 6HC n 
2 3 6HG n 
2 4 6HT n 
2 5 6HA n 
2 6 6HG n 
2 7 6HC n 
2 8 6HG n 
# 
loop_
_chem_comp.id 
_chem_comp.type 
_chem_comp.mon_nstd_flag 
_chem_comp.name 
_chem_comp.pdbx_synonyms 
_chem_comp.formula 
_chem_comp.formula_weight 
6HA 'DNA linking' n "1',5'-ANHYDRO-2',3'-DIDEOXY-2'-(ADENIN-9-YL)-6'-O-PHOSPHORYL-D-ARABINO-HEXITOL"  ? 'C11 H16 N5 O6 P' 345.248 
6HC 'DNA linking' n "1',5'-ANHYDRO-2',3'-DIDEOXY-2'-(CYTOSIN-1-YL)-6'-O-PHOSPHORYL-D-ARABINO-HEXITOL" ? 'C10 H16 N3 O7 P' 321.224 
6HG 'DNA linking' n "1',5'-ANHYDRO-2',3'-DIDEOXY-2'-(GUANIN-9-YL)-6'-O-PHOSPHORYL-D-ARABINO-HEXITOL"  ? 'C11 H16 N5 O7 P' 361.248 
6HT 'DNA linking' n "1',5'-ANHYDRO-2',3'-DIDEOXY-2'-(THYMIN-1-YL)-6'-O-PHOSPHORYL-D-ARABINO-HEXITOL"  ? 'C11 H17 N2 O8 P' 336.235 
A   'RNA linking' y "ADENOSINE-5'-MONOPHOSPHATE"                                                      ? 'C10 H14 N5 O7 P' 347.221 
C   'RNA linking' y "CYTIDINE-5'-MONOPHOSPHATE"                                                       ? 'C9 H14 N3 O8 P'  323.197 
G   'RNA linking' y "GUANOSINE-5'-MONOPHOSPHATE"                                                      ? 'C10 H14 N5 O8 P' 363.221 
PDI non-polymer   . 'PHOSPHORIC ACID MONO-(3-HYDROXY-PROPYL) ESTER'                                   ? 'C3 H9 O5 P'      156.074 
U   'RNA linking' y "URIDINE-5'-MONOPHOSPHATE"                                                        ? 'C9 H13 N2 O9 P'  324.181 
# 
loop_
_pdbx_poly_seq_scheme.asym_id 
_pdbx_poly_seq_scheme.entity_id 
_pdbx_poly_seq_scheme.seq_id 
_pdbx_poly_seq_scheme.mon_id 
_pdbx_poly_seq_scheme.ndb_seq_num 
_pdbx_poly_seq_scheme.pdb_seq_num 
_pdbx_poly_seq_scheme.auth_seq_num 
_pdbx_poly_seq_scheme.pdb_mon_id 
_pdbx_poly_seq_scheme.auth_mon_id 
_pdbx_poly_seq_scheme.pdb_strand_id 
_pdbx_poly_seq_scheme.pdb_ins_code 
_pdbx_poly_seq_scheme.hetero 
A 1 1 C   1 1  1  C   C   A . n 
A 1 2 G   2 2  2  G   G   A . n 
A 1 3 C   3 3  3  C   C   A . n 
A 1 4 U   4 4  4  U   U   A . n 
A 1 5 A   5 5  5  A   A   A . n 
A 1 6 C   6 6  6  C   C   A . n 
A 1 7 G   7 7  7  G   G   A . n 
A 1 8 C   8 8  8  C   C   A . n 
B 2 1 6HG 1 9  9  6HG 6HG B . n 
B 2 2 6HC 2 10 10 6HC 6HC B . n 
B 2 3 6HG 3 11 11 6HG 6HG B . n 
B 2 4 6HT 4 12 12 6HT 6HT B . n 
B 2 5 6HA 5 13 13 6HA 6HA B . n 
B 2 6 6HG 6 14 14 6HG 6HG B . n 
B 2 7 6HC 7 15 15 6HC 6HC B . n 
B 2 8 6HG 8 16 16 6HG 6HG B . n 
# 
_pdbx_nonpoly_scheme.asym_id         C 
_pdbx_nonpoly_scheme.entity_id       3 
_pdbx_nonpoly_scheme.mon_id          PDI 
_pdbx_nonpoly_scheme.ndb_seq_num     1 
_pdbx_nonpoly_scheme.pdb_seq_num     17 
_pdbx_nonpoly_scheme.auth_seq_num    17 
_pdbx_nonpoly_scheme.pdb_mon_id      PDI 
_pdbx_nonpoly_scheme.auth_mon_id     PDI 
_pdbx_nonpoly_scheme.pdb_strand_id   B 
_pdbx_nonpoly_scheme.pdb_ins_code    . 
# 
_cell.entry_id           1EJZ 
_cell.length_a           1.000 
_cell.length_b           1.000 
_cell.length_c           1.000 
_cell.angle_alpha        90.00 
_cell.angle_beta         90.00 
_cell.angle_gamma        90.00 
_cell.Z_PDB              1 
_cell.pdbx_unique_axis   ? 
# 
_symmetry.entry_id                         1EJZ 
_symmetry.space_group_name_H-M             'P 1' 
_symmetry.pdbx_full_space_group_name_H-M   ? 
_symmetry.cell_setting                     ? 
_symmetry.Int_Tables_number                1 
# 
_exptl.entry_id          1EJZ 
_exptl.method            'SOLUTION NMR' 
_exptl.crystals_number   ? 
# 
_struct.entry_id                  1EJZ 
_struct.title                     'SOLUTION STRUCTURE OF A HNA-RNA HYBRID' 
_struct.pdbx_model_details        ? 
_struct.pdbx_CASP_flag            ? 
_struct.pdbx_model_type_details   ? 
# 
_struct_keywords.entry_id        1EJZ 
_struct_keywords.pdbx_keywords   RNA 
_struct_keywords.text            'HNA-RNA complex, double helix, A-type conformation, RNA' 
# 
loop_
_struct_asym.id 
_struct_asym.pdbx_blank_PDB_chainid_flag 
_struct_asym.pdbx_modified 
_struct_asym.entity_id 
_struct_asym.details 
A N N 1 ? 
B N N 2 ? 
C N N 3 ? 
# 
loop_
_struct_ref.id 
_struct_ref.entity_id 
_struct_ref.db_name 
_struct_ref.db_code 
_struct_ref.pdbx_db_accession 
_struct_ref.pdbx_db_isoform 
_struct_ref.pdbx_seq_one_letter_code 
_struct_ref.pdbx_align_begin 
1 1 PDB 1EJZ 1EJZ ? ? ? 
2 2 PDB 1EJZ 1EJZ ? ? ? 
# 
loop_
_struct_ref_seq.align_id 
_struct_ref_seq.ref_id 
_struct_ref_seq.pdbx_PDB_id_code 
_struct_ref_seq.pdbx_strand_id 
_struct_ref_seq.seq_align_beg 
_struct_ref_seq.pdbx_seq_align_beg_ins_code 
_struct_ref_seq.seq_align_end 
_struct_ref_seq.pdbx_seq_align_end_ins_code 
_struct_ref_seq.pdbx_db_accession 
_struct_ref_seq.db_align_beg 
_struct_ref_seq.pdbx_db_align_beg_ins_code 
_struct_ref_seq.db_align_end 
_struct_ref_seq.pdbx_db_align_end_ins_code 
_struct_ref_seq.pdbx_auth_seq_align_beg 
_struct_ref_seq.pdbx_auth_seq_align_end 
1 1 1EJZ A 1 ? 8 ? 1EJZ 1 ? 8  ? 1 8  
2 2 1EJZ B 1 ? 8 ? 1EJZ 9 ? 16 ? 9 16 
# 
_pdbx_struct_assembly.id                   1 
_pdbx_struct_assembly.details              author_defined_assembly 
_pdbx_struct_assembly.method_details       ? 
_pdbx_struct_assembly.oligomeric_details   dimeric 
_pdbx_struct_assembly.oligomeric_count     2 
# 
_pdbx_struct_assembly_gen.assembly_id       1 
_pdbx_struct_assembly_gen.oper_expression   1 
_pdbx_struct_assembly_gen.asym_id_list      A,B,C 
# 
_pdbx_struct_oper_list.id                   1 
_pdbx_struct_oper_list.type                 'identity operation' 
_pdbx_struct_oper_list.name                 1_555 
_pdbx_struct_oper_list.symmetry_operation   x,y,z 
_pdbx_struct_oper_list.matrix[1][1]         1.0000000000 
_pdbx_struct_oper_list.matrix[1][2]         0.0000000000 
_pdbx_struct_oper_list.matrix[1][3]         0.0000000000 
_pdbx_struct_oper_list.vector[1]            0.0000000000 
_pdbx_struct_oper_list.matrix[2][1]         0.0000000000 
_pdbx_struct_oper_list.matrix[2][2]         1.0000000000 
_pdbx_struct_oper_list.matrix[2][3]         0.0000000000 
_pdbx_struct_oper_list.vector[2]            0.0000000000 
_pdbx_struct_oper_list.matrix[3][1]         0.0000000000 
_pdbx_struct_oper_list.matrix[3][2]         0.0000000000 
_pdbx_struct_oper_list.matrix[3][3]         1.0000000000 
_pdbx_struct_oper_list.vector[3]            0.0000000000 
# 
_struct_biol.id   1 
# 
loop_
_struct_conn.id 
_struct_conn.conn_type_id 
_struct_conn.pdbx_leaving_atom_flag 
_struct_conn.pdbx_PDB_id 
_struct_conn.ptnr1_label_asym_id 
_struct_conn.ptnr1_label_comp_id 
_struct_conn.ptnr1_label_seq_id 
_struct_conn.ptnr1_label_atom_id 
_struct_conn.pdbx_ptnr1_label_alt_id 
_struct_conn.pdbx_ptnr1_PDB_ins_code 
_struct_conn.pdbx_ptnr1_standard_comp_id 
_struct_conn.ptnr1_symmetry 
_struct_conn.ptnr2_label_asym_id 
_struct_conn.ptnr2_label_comp_id 
_struct_conn.ptnr2_label_seq_id 
_struct_conn.ptnr2_label_atom_id 
_struct_conn.pdbx_ptnr2_label_alt_id 
_struct_conn.pdbx_ptnr2_PDB_ins_code 
_struct_conn.ptnr1_auth_asym_id 
_struct_conn.ptnr1_auth_comp_id 
_struct_conn.ptnr1_auth_seq_id 
_struct_conn.ptnr2_auth_asym_id 
_struct_conn.ptnr2_auth_comp_id 
_struct_conn.ptnr2_auth_seq_id 
_struct_conn.ptnr2_symmetry 
_struct_conn.pdbx_ptnr3_label_atom_id 
_struct_conn.pdbx_ptnr3_label_seq_id 
_struct_conn.pdbx_ptnr3_label_comp_id 
_struct_conn.pdbx_ptnr3_label_asym_id 
_struct_conn.pdbx_ptnr3_label_alt_id 
_struct_conn.pdbx_ptnr3_PDB_ins_code 
_struct_conn.details 
_struct_conn.pdbx_dist_value 
_struct_conn.pdbx_value_order 
_struct_conn.pdbx_role 
covale1  covale both ? B 6HG 1 "O3'" ? ? ? 1_555 B 6HC 2 P  ? ? B 6HG 9  B 6HC 10 1_555 ? ? ? ? ? ? ?            1.609 ? ? 
covale2  covale both ? B 6HC 2 "O3'" ? ? ? 1_555 B 6HG 3 P  ? ? B 6HC 10 B 6HG 11 1_555 ? ? ? ? ? ? ?            1.606 ? ? 
covale3  covale both ? B 6HG 3 "O3'" ? ? ? 1_555 B 6HT 4 P  ? ? B 6HG 11 B 6HT 12 1_555 ? ? ? ? ? ? ?            1.608 ? ? 
covale4  covale both ? B 6HT 4 "O3'" ? ? ? 1_555 B 6HA 5 P  ? ? B 6HT 12 B 6HA 13 1_555 ? ? ? ? ? ? ?            1.607 ? ? 
covale5  covale both ? B 6HA 5 "O3'" ? ? ? 1_555 B 6HG 6 P  ? ? B 6HA 13 B 6HG 14 1_555 ? ? ? ? ? ? ?            1.607 ? ? 
covale6  covale both ? B 6HG 6 "O3'" ? ? ? 1_555 B 6HC 7 P  ? ? B 6HG 14 B 6HC 15 1_555 ? ? ? ? ? ? ?            1.612 ? ? 
covale7  covale both ? B 6HC 7 "O3'" ? ? ? 1_555 B 6HG 8 P  ? ? B 6HC 15 B 6HG 16 1_555 ? ? ? ? ? ? ?            1.606 ? ? 
covale8  covale one  ? B 6HG 8 "O3'" ? ? ? 1_555 C PDI . P  ? ? B 6HG 16 B PDI 17 1_555 ? ? ? ? ? ? ?            1.607 ? ? 
hydrog1  hydrog ?    ? A C   1 N3    ? ? ? 1_555 B 6HG 8 N1 ? ? A C   1  B 6HG 16 1_555 ? ? ? ? ? ? WATSON-CRICK ?     ? ? 
hydrog2  hydrog ?    ? A C   1 N4    ? ? ? 1_555 B 6HG 8 O6 ? ? A C   1  B 6HG 16 1_555 ? ? ? ? ? ? WATSON-CRICK ?     ? ? 
hydrog3  hydrog ?    ? A C   1 O2    ? ? ? 1_555 B 6HG 8 N2 ? ? A C   1  B 6HG 16 1_555 ? ? ? ? ? ? WATSON-CRICK ?     ? ? 
hydrog4  hydrog ?    ? A G   2 N1    ? ? ? 1_555 B 6HC 7 N3 ? ? A G   2  B 6HC 15 1_555 ? ? ? ? ? ? WATSON-CRICK ?     ? ? 
hydrog5  hydrog ?    ? A G   2 N2    ? ? ? 1_555 B 6HC 7 O2 ? ? A G   2  B 6HC 15 1_555 ? ? ? ? ? ? WATSON-CRICK ?     ? ? 
hydrog6  hydrog ?    ? A G   2 O6    ? ? ? 1_555 B 6HC 7 N4 ? ? A G   2  B 6HC 15 1_555 ? ? ? ? ? ? WATSON-CRICK ?     ? ? 
hydrog7  hydrog ?    ? A C   3 N3    ? ? ? 1_555 B 6HG 6 N1 ? ? A C   3  B 6HG 14 1_555 ? ? ? ? ? ? WATSON-CRICK ?     ? ? 
hydrog8  hydrog ?    ? A C   3 N4    ? ? ? 1_555 B 6HG 6 O6 ? ? A C   3  B 6HG 14 1_555 ? ? ? ? ? ? WATSON-CRICK ?     ? ? 
hydrog9  hydrog ?    ? A C   3 O2    ? ? ? 1_555 B 6HG 6 N2 ? ? A C   3  B 6HG 14 1_555 ? ? ? ? ? ? WATSON-CRICK ?     ? ? 
hydrog10 hydrog ?    ? A U   4 N3    ? ? ? 1_555 B 6HA 5 N1 ? ? A U   4  B 6HA 13 1_555 ? ? ? ? ? ? WATSON-CRICK ?     ? ? 
hydrog11 hydrog ?    ? A U   4 O4    ? ? ? 1_555 B 6HA 5 N6 ? ? A U   4  B 6HA 13 1_555 ? ? ? ? ? ? WATSON-CRICK ?     ? ? 
hydrog12 hydrog ?    ? A A   5 N1    ? ? ? 1_555 B 6HT 4 N3 ? ? A A   5  B 6HT 12 1_555 ? ? ? ? ? ? WATSON-CRICK ?     ? ? 
hydrog13 hydrog ?    ? A A   5 N6    ? ? ? 1_555 B 6HT 4 O4 ? ? A A   5  B 6HT 12 1_555 ? ? ? ? ? ? WATSON-CRICK ?     ? ? 
hydrog14 hydrog ?    ? A C   6 N3    ? ? ? 1_555 B 6HG 3 N1 ? ? A C   6  B 6HG 11 1_555 ? ? ? ? ? ? WATSON-CRICK ?     ? ? 
hydrog15 hydrog ?    ? A C   6 N4    ? ? ? 1_555 B 6HG 3 O6 ? ? A C   6  B 6HG 11 1_555 ? ? ? ? ? ? WATSON-CRICK ?     ? ? 
hydrog16 hydrog ?    ? A C   6 O2    ? ? ? 1_555 B 6HG 3 N2 ? ? A C   6  B 6HG 11 1_555 ? ? ? ? ? ? WATSON-CRICK ?     ? ? 
hydrog17 hydrog ?    ? A G   7 N1    ? ? ? 1_555 B 6HC 2 N3 ? ? A G   7  B 6HC 10 1_555 ? ? ? ? ? ? WATSON-CRICK ?     ? ? 
hydrog18 hydrog ?    ? A G   7 N2    ? ? ? 1_555 B 6HC 2 O2 ? ? A G   7  B 6HC 10 1_555 ? ? ? ? ? ? WATSON-CRICK ?     ? ? 
hydrog19 hydrog ?    ? A G   7 O6    ? ? ? 1_555 B 6HC 2 N4 ? ? A G   7  B 6HC 10 1_555 ? ? ? ? ? ? WATSON-CRICK ?     ? ? 
hydrog20 hydrog ?    ? A C   8 N3    ? ? ? 1_555 B 6HG 1 N1 ? ? A C   8  B 6HG 9  1_555 ? ? ? ? ? ? WATSON-CRICK ?     ? ? 
hydrog21 hydrog ?    ? A C   8 N4    ? ? ? 1_555 B 6HG 1 O6 ? ? A C   8  B 6HG 9  1_555 ? ? ? ? ? ? WATSON-CRICK ?     ? ? 
hydrog22 hydrog ?    ? A C   8 O2    ? ? ? 1_555 B 6HG 1 N2 ? ? A C   8  B 6HG 9  1_555 ? ? ? ? ? ? WATSON-CRICK ?     ? ? 
# 
loop_
_struct_conn_type.id 
_struct_conn_type.criteria 
_struct_conn_type.reference 
covale ? ? 
hydrog ? ? 
# 
_struct_site.id                   AC1 
_struct_site.pdbx_evidence_code   Software 
_struct_site.pdbx_auth_asym_id    B 
_struct_site.pdbx_auth_comp_id    PDI 
_struct_site.pdbx_auth_seq_id     17 
_struct_site.pdbx_auth_ins_code   ? 
_struct_site.pdbx_num_residues    1 
_struct_site.details              'BINDING SITE FOR RESIDUE PDI B 17' 
# 
_struct_site_gen.id                   1 
_struct_site_gen.site_id              AC1 
_struct_site_gen.pdbx_num_res         1 
_struct_site_gen.label_comp_id        6HG 
_struct_site_gen.label_asym_id        B 
_struct_site_gen.label_seq_id         8 
_struct_site_gen.pdbx_auth_ins_code   ? 
_struct_site_gen.auth_comp_id         6HG 
_struct_site_gen.auth_asym_id         B 
_struct_site_gen.auth_seq_id          16 
_struct_site_gen.label_atom_id        . 
_struct_site_gen.label_alt_id         ? 
_struct_site_gen.symmetry             1_555 
_struct_site_gen.details              ? 
# 
loop_
_pdbx_validate_rmsd_angle.id 
_pdbx_validate_rmsd_angle.PDB_model_num 
_pdbx_validate_rmsd_angle.auth_atom_id_1 
_pdbx_validate_rmsd_angle.auth_asym_id_1 
_pdbx_validate_rmsd_angle.auth_comp_id_1 
_pdbx_validate_rmsd_angle.auth_seq_id_1 
_pdbx_validate_rmsd_angle.PDB_ins_code_1 
_pdbx_validate_rmsd_angle.label_alt_id_1 
_pdbx_validate_rmsd_angle.auth_atom_id_2 
_pdbx_validate_rmsd_angle.auth_asym_id_2 
_pdbx_validate_rmsd_angle.auth_comp_id_2 
_pdbx_validate_rmsd_angle.auth_seq_id_2 
_pdbx_validate_rmsd_angle.PDB_ins_code_2 
_pdbx_validate_rmsd_angle.label_alt_id_2 
_pdbx_validate_rmsd_angle.auth_atom_id_3 
_pdbx_validate_rmsd_angle.auth_asym_id_3 
_pdbx_validate_rmsd_angle.auth_comp_id_3 
_pdbx_validate_rmsd_angle.auth_seq_id_3 
_pdbx_validate_rmsd_angle.PDB_ins_code_3 
_pdbx_validate_rmsd_angle.label_alt_id_3 
_pdbx_validate_rmsd_angle.angle_value 
_pdbx_validate_rmsd_angle.angle_target_value 
_pdbx_validate_rmsd_angle.angle_deviation 
_pdbx_validate_rmsd_angle.angle_standard_deviation 
_pdbx_validate_rmsd_angle.linker_flag 
1 1 N7 A G 2 ? ? C8 A G 2 ? ? N9 A G 2 ? ? 117.71 113.10 4.61  0.50 N 
2 1 C8 A G 2 ? ? N9 A G 2 ? ? C4 A G 2 ? ? 103.77 106.40 -2.63 0.40 N 
3 1 N7 A A 5 ? ? C8 A A 5 ? ? N9 A A 5 ? ? 117.51 113.80 3.71  0.50 N 
4 1 N7 A G 7 ? ? C8 A G 7 ? ? N9 A G 7 ? ? 117.55 113.10 4.45  0.50 N 
5 1 C8 A G 7 ? ? N9 A G 7 ? ? C4 A G 7 ? ? 103.82 106.40 -2.58 0.40 N 
# 
loop_
_pdbx_struct_mod_residue.id 
_pdbx_struct_mod_residue.label_asym_id 
_pdbx_struct_mod_residue.label_comp_id 
_pdbx_struct_mod_residue.label_seq_id 
_pdbx_struct_mod_residue.auth_asym_id 
_pdbx_struct_mod_residue.auth_comp_id 
_pdbx_struct_mod_residue.auth_seq_id 
_pdbx_struct_mod_residue.PDB_ins_code 
_pdbx_struct_mod_residue.parent_comp_id 
_pdbx_struct_mod_residue.details 
1 B 6HG 1 B 6HG 9  ? DG ? 
2 B 6HC 2 B 6HC 10 ? DC ? 
3 B 6HG 3 B 6HG 11 ? DG ? 
4 B 6HT 4 B 6HT 12 ? DT ? 
5 B 6HA 5 B 6HA 13 ? DA ? 
6 B 6HG 6 B 6HG 14 ? DG ? 
7 B 6HC 7 B 6HC 15 ? DC ? 
8 B 6HG 8 B 6HG 16 ? DG ? 
# 
_pdbx_nmr_ensemble.entry_id                                      1EJZ 
_pdbx_nmr_ensemble.conformers_calculated_total_number            100 
_pdbx_nmr_ensemble.conformers_submitted_total_number             1 
_pdbx_nmr_ensemble.conformer_selection_criteria                  'structure closest to the average of all refined structures' 
_pdbx_nmr_ensemble.average_constraints_per_residue               ? 
_pdbx_nmr_ensemble.average_constraint_violations_per_residue     ? 
_pdbx_nmr_ensemble.maximum_distance_constraint_violation         ? 
_pdbx_nmr_ensemble.average_distance_constraint_violation         ? 
_pdbx_nmr_ensemble.maximum_upper_distance_constraint_violation   ? 
_pdbx_nmr_ensemble.maximum_lower_distance_constraint_violation   ? 
_pdbx_nmr_ensemble.distance_constraint_violation_method          ? 
_pdbx_nmr_ensemble.maximum_torsion_angle_constraint_violation    ? 
_pdbx_nmr_ensemble.average_torsion_angle_constraint_violation    ? 
_pdbx_nmr_ensemble.torsion_angle_constraint_violation_method     ? 
# 
_pdbx_nmr_representative.entry_id             1EJZ 
_pdbx_nmr_representative.conformer_id         1 
_pdbx_nmr_representative.selection_criteria   'closest to the average' 
# 
loop_
_pdbx_nmr_sample_details.solution_id 
_pdbx_nmr_sample_details.contents 
_pdbx_nmr_sample_details.solvent_system 
1 '1.7 mM HNA, 1.7 mM RNA' D2O               
2 '1.7 mM HNA, 1.7 mM RNA' '10% D2O 90% H2O' 
# 
loop_
_pdbx_nmr_exptl_sample_conditions.conditions_id 
_pdbx_nmr_exptl_sample_conditions.temperature 
_pdbx_nmr_exptl_sample_conditions.pressure 
_pdbx_nmr_exptl_sample_conditions.pH 
_pdbx_nmr_exptl_sample_conditions.ionic_strength 
_pdbx_nmr_exptl_sample_conditions.pressure_units 
_pdbx_nmr_exptl_sample_conditions.temperature_units 
1 20 ambient 7 ? ? K 
2 5  ambient 7 ? ? K 
# 
loop_
_pdbx_nmr_exptl.experiment_id 
_pdbx_nmr_exptl.conditions_id 
_pdbx_nmr_exptl.type 
_pdbx_nmr_exptl.solution_id 
1 1 '2D NOESY'        1 
2 1 DQF-COSY          1 
3 1 'H-P Hetcor'      1 
4 1 TOCSY             1 
5 2 'Watergate NOESY' 2 
6 2 '1D Jump-Return'  2 
# 
_pdbx_nmr_refine.entry_id           1EJZ 
_pdbx_nmr_refine.method             'Torsion Angles Dynamics and Gentle Molecular Dynamics' 
_pdbx_nmr_refine.details            ? 
_pdbx_nmr_refine.software_ordinal   1 
# 
loop_
_pdbx_nmr_software.classification 
_pdbx_nmr_software.name 
_pdbx_nmr_software.version 
_pdbx_nmr_software.authors 
_pdbx_nmr_software.ordinal 
collection           VNMR   5.3   Varian         1 
processing           Felix  97.0  Biosym         2 
'data analysis'      Felix  97.0  Biosym         3 
'structure solution' X-PLOR 3.518 'A.T. Brunger' 4 
refinement           X-PLOR 3.518 'A.T. Brunger' 5 
# 
loop_
_chem_comp_atom.comp_id 
_chem_comp_atom.atom_id 
_chem_comp_atom.type_symbol 
_chem_comp_atom.pdbx_aromatic_flag 
_chem_comp_atom.pdbx_stereo_config 
_chem_comp_atom.pdbx_ordinal 
6HA P      P N N 1   
6HA OP1    O N N 2   
6HA OP2    O N N 3   
6HA OP3    O N N 4   
6HA "O5'"  O N N 5   
6HA "C5'"  C N N 6   
6HA "C4'"  C N R 7   
6HA "O4'"  O N N 8   
6HA "C3'"  C N S 9   
6HA "O3'"  O N N 10  
6HA "C2'"  C N N 11  
6HA "C1'"  C N S 12  
6HA "C6'"  C N N 13  
6HA N9     N Y N 14  
6HA C8     C Y N 15  
6HA N7     N Y N 16  
6HA C5     C Y N 17  
6HA C6     C Y N 18  
6HA N6     N N N 19  
6HA N1     N Y N 20  
6HA C2     C Y N 21  
6HA N3     N Y N 22  
6HA C4     C Y N 23  
6HA HOP2   H N N 24  
6HA HOP3   H N N 25  
6HA "H5'"  H N N 26  
6HA "H5''" H N N 27  
6HA "H4'"  H N N 28  
6HA "H3'"  H N N 29  
6HA "HO3'" H N N 30  
6HA "H2'"  H N N 31  
6HA "H2''" H N N 32  
6HA "H1'"  H N N 33  
6HA "H6'1" H N N 34  
6HA "H6'2" H N N 35  
6HA H8     H N N 36  
6HA H61    H N N 37  
6HA H62    H N N 38  
6HA H2     H N N 39  
6HC P      P N N 40  
6HC OP1    O N N 41  
6HC OP2    O N N 42  
6HC OP3    O N N 43  
6HC "O5'"  O N N 44  
6HC "C5'"  C N N 45  
6HC "C4'"  C N R 46  
6HC "O4'"  O N N 47  
6HC "C3'"  C N S 48  
6HC "O3'"  O N N 49  
6HC "C2'"  C N N 50  
6HC "C1'"  C N S 51  
6HC "C6'"  C N N 52  
6HC N1     N N N 53  
6HC C2     C N N 54  
6HC O2     O N N 55  
6HC N3     N N N 56  
6HC C4     C N N 57  
6HC N4     N N N 58  
6HC C5     C N N 59  
6HC C6     C N N 60  
6HC HOP2   H N N 61  
6HC HOP3   H N N 62  
6HC "H5'"  H N N 63  
6HC "H5''" H N N 64  
6HC "H4'"  H N N 65  
6HC "H3'"  H N N 66  
6HC "HO3'" H N N 67  
6HC "H2'"  H N N 68  
6HC "H2''" H N N 69  
6HC "H1'"  H N N 70  
6HC "H6'1" H N N 71  
6HC "H6'2" H N N 72  
6HC H41    H N N 73  
6HC H42    H N N 74  
6HC H5     H N N 75  
6HC H6     H N N 76  
6HG P      P N N 77  
6HG OP1    O N N 78  
6HG OP2    O N N 79  
6HG OP3    O N N 80  
6HG "O5'"  O N N 81  
6HG "C5'"  C N N 82  
6HG "C4'"  C N R 83  
6HG "O4'"  O N N 84  
6HG "C3'"  C N S 85  
6HG "O3'"  O N N 86  
6HG "C2'"  C N N 87  
6HG "C1'"  C N S 88  
6HG "C6'"  C N N 89  
6HG N9     N Y N 90  
6HG C8     C Y N 91  
6HG N7     N Y N 92  
6HG C5     C Y N 93  
6HG C6     C N N 94  
6HG O6     O N N 95  
6HG N1     N N N 96  
6HG C2     C N N 97  
6HG N2     N N N 98  
6HG N3     N N N 99  
6HG C4     C Y N 100 
6HG HOP2   H N N 101 
6HG HOP3   H N N 102 
6HG "H5'"  H N N 103 
6HG "H5''" H N N 104 
6HG "H4'"  H N N 105 
6HG "H3'"  H N N 106 
6HG "HO3'" H N N 107 
6HG "H2'"  H N N 108 
6HG "H2''" H N N 109 
6HG "H1'"  H N N 110 
6HG "H6'1" H N N 111 
6HG "H6'2" H N N 112 
6HG H8     H N N 113 
6HG H1     H N N 114 
6HG H21    H N N 115 
6HG H22    H N N 116 
6HT P      P N N 117 
6HT OP1    O N N 118 
6HT OP2    O N N 119 
6HT OP3    O N N 120 
6HT "O5'"  O N N 121 
6HT "C5'"  C N N 122 
6HT "C4'"  C N R 123 
6HT "O4'"  O N N 124 
6HT "C3'"  C N S 125 
6HT "O3'"  O N N 126 
6HT "C2'"  C N N 127 
6HT "C1'"  C N S 128 
6HT "C6'"  C N N 129 
6HT N1     N N N 130 
6HT C2     C N N 131 
6HT O2     O N N 132 
6HT N3     N N N 133 
6HT C4     C N N 134 
6HT O4     O N N 135 
6HT C5     C N N 136 
6HT C5M    C N N 137 
6HT C6     C N N 138 
6HT HOP2   H N N 139 
6HT HOP3   H N N 140 
6HT "H5'"  H N N 141 
6HT "H5''" H N N 142 
6HT "H4'"  H N N 143 
6HT "H3'"  H N N 144 
6HT "HO3'" H N N 145 
6HT "H2'"  H N N 146 
6HT "H2''" H N N 147 
6HT "H1'"  H N N 148 
6HT "H6'1" H N N 149 
6HT "H6'2" H N N 150 
6HT H3     H N N 151 
6HT H71    H N N 152 
6HT H72    H N N 153 
6HT H73    H N N 154 
6HT H6     H N N 155 
A   OP3    O N N 156 
A   P      P N N 157 
A   OP1    O N N 158 
A   OP2    O N N 159 
A   "O5'"  O N N 160 
A   "C5'"  C N N 161 
A   "C4'"  C N R 162 
A   "O4'"  O N N 163 
A   "C3'"  C N S 164 
A   "O3'"  O N N 165 
A   "C2'"  C N R 166 
A   "O2'"  O N N 167 
A   "C1'"  C N R 168 
A   N9     N Y N 169 
A   C8     C Y N 170 
A   N7     N Y N 171 
A   C5     C Y N 172 
A   C6     C Y N 173 
A   N6     N N N 174 
A   N1     N Y N 175 
A   C2     C Y N 176 
A   N3     N Y N 177 
A   C4     C Y N 178 
A   HOP3   H N N 179 
A   HOP2   H N N 180 
A   "H5'"  H N N 181 
A   "H5''" H N N 182 
A   "H4'"  H N N 183 
A   "H3'"  H N N 184 
A   "HO3'" H N N 185 
A   "H2'"  H N N 186 
A   "HO2'" H N N 187 
A   "H1'"  H N N 188 
A   H8     H N N 189 
A   H61    H N N 190 
A   H62    H N N 191 
A   H2     H N N 192 
C   OP3    O N N 193 
C   P      P N N 194 
C   OP1    O N N 195 
C   OP2    O N N 196 
C   "O5'"  O N N 197 
C   "C5'"  C N N 198 
C   "C4'"  C N R 199 
C   "O4'"  O N N 200 
C   "C3'"  C N S 201 
C   "O3'"  O N N 202 
C   "C2'"  C N R 203 
C   "O2'"  O N N 204 
C   "C1'"  C N R 205 
C   N1     N N N 206 
C   C2     C N N 207 
C   O2     O N N 208 
C   N3     N N N 209 
C   C4     C N N 210 
C   N4     N N N 211 
C   C5     C N N 212 
C   C6     C N N 213 
C   HOP3   H N N 214 
C   HOP2   H N N 215 
C   "H5'"  H N N 216 
C   "H5''" H N N 217 
C   "H4'"  H N N 218 
C   "H3'"  H N N 219 
C   "HO3'" H N N 220 
C   "H2'"  H N N 221 
C   "HO2'" H N N 222 
C   "H1'"  H N N 223 
C   H41    H N N 224 
C   H42    H N N 225 
C   H5     H N N 226 
C   H6     H N N 227 
G   OP3    O N N 228 
G   P      P N N 229 
G   OP1    O N N 230 
G   OP2    O N N 231 
G   "O5'"  O N N 232 
G   "C5'"  C N N 233 
G   "C4'"  C N R 234 
G   "O4'"  O N N 235 
G   "C3'"  C N S 236 
G   "O3'"  O N N 237 
G   "C2'"  C N R 238 
G   "O2'"  O N N 239 
G   "C1'"  C N R 240 
G   N9     N Y N 241 
G   C8     C Y N 242 
G   N7     N Y N 243 
G   C5     C Y N 244 
G   C6     C N N 245 
G   O6     O N N 246 
G   N1     N N N 247 
G   C2     C N N 248 
G   N2     N N N 249 
G   N3     N N N 250 
G   C4     C Y N 251 
G   HOP3   H N N 252 
G   HOP2   H N N 253 
G   "H5'"  H N N 254 
G   "H5''" H N N 255 
G   "H4'"  H N N 256 
G   "H3'"  H N N 257 
G   "HO3'" H N N 258 
G   "H2'"  H N N 259 
G   "HO2'" H N N 260 
G   "H1'"  H N N 261 
G   H8     H N N 262 
G   H1     H N N 263 
G   H21    H N N 264 
G   H22    H N N 265 
PDI O3P    O N N 266 
PDI P      P N N 267 
PDI O1P    O N N 268 
PDI O2P    O N N 269 
PDI OA     O N N 270 
PDI CA     C N N 271 
PDI CB     C N N 272 
PDI CG     C N N 273 
PDI OG     O N N 274 
PDI HOP3   H N N 275 
PDI HOP2   H N N 276 
PDI HA1    H N N 277 
PDI HA2    H N N 278 
PDI HB1    H N N 279 
PDI HB2    H N N 280 
PDI HG1    H N N 281 
PDI HG2    H N N 282 
PDI HGT    H N N 283 
U   OP3    O N N 284 
U   P      P N N 285 
U   OP1    O N N 286 
U   OP2    O N N 287 
U   "O5'"  O N N 288 
U   "C5'"  C N N 289 
U   "C4'"  C N R 290 
U   "O4'"  O N N 291 
U   "C3'"  C N S 292 
U   "O3'"  O N N 293 
U   "C2'"  C N R 294 
U   "O2'"  O N N 295 
U   "C1'"  C N R 296 
U   N1     N N N 297 
U   C2     C N N 298 
U   O2     O N N 299 
U   N3     N N N 300 
U   C4     C N N 301 
U   O4     O N N 302 
U   C5     C N N 303 
U   C6     C N N 304 
U   HOP3   H N N 305 
U   HOP2   H N N 306 
U   "H5'"  H N N 307 
U   "H5''" H N N 308 
U   "H4'"  H N N 309 
U   "H3'"  H N N 310 
U   "HO3'" H N N 311 
U   "H2'"  H N N 312 
U   "HO2'" H N N 313 
U   "H1'"  H N N 314 
U   H3     H N N 315 
U   H5     H N N 316 
U   H6     H N N 317 
# 
loop_
_chem_comp_bond.comp_id 
_chem_comp_bond.atom_id_1 
_chem_comp_bond.atom_id_2 
_chem_comp_bond.value_order 
_chem_comp_bond.pdbx_aromatic_flag 
_chem_comp_bond.pdbx_stereo_config 
_chem_comp_bond.pdbx_ordinal 
6HA P     OP1    doub N N 1   
6HA P     OP2    sing N N 2   
6HA P     OP3    sing N N 3   
6HA P     "O5'"  sing N N 4   
6HA OP2   HOP2   sing N N 5   
6HA OP3   HOP3   sing N N 6   
6HA "O5'" "C5'"  sing N N 7   
6HA "C5'" "C4'"  sing N N 8   
6HA "C5'" "H5'"  sing N N 9   
6HA "C5'" "H5''" sing N N 10  
6HA "C4'" "O4'"  sing N N 11  
6HA "C4'" "C3'"  sing N N 12  
6HA "C4'" "H4'"  sing N N 13  
6HA "O4'" "C6'"  sing N N 14  
6HA "C3'" "O3'"  sing N N 15  
6HA "C3'" "C2'"  sing N N 16  
6HA "C3'" "H3'"  sing N N 17  
6HA "O3'" "HO3'" sing N N 18  
6HA "C2'" "C1'"  sing N N 19  
6HA "C2'" "H2'"  sing N N 20  
6HA "C2'" "H2''" sing N N 21  
6HA "C1'" "C6'"  sing N N 22  
6HA "C1'" N9     sing N N 23  
6HA "C1'" "H1'"  sing N N 24  
6HA "C6'" "H6'1" sing N N 25  
6HA "C6'" "H6'2" sing N N 26  
6HA N9    C8     sing Y N 27  
6HA N9    C4     sing Y N 28  
6HA C8    N7     doub Y N 29  
6HA C8    H8     sing N N 30  
6HA N7    C5     sing Y N 31  
6HA C5    C6     sing Y N 32  
6HA C5    C4     doub Y N 33  
6HA C6    N6     sing N N 34  
6HA C6    N1     doub Y N 35  
6HA N6    H61    sing N N 36  
6HA N6    H62    sing N N 37  
6HA N1    C2     sing Y N 38  
6HA C2    N3     doub Y N 39  
6HA C2    H2     sing N N 40  
6HA N3    C4     sing Y N 41  
6HC P     OP1    doub N N 42  
6HC P     OP2    sing N N 43  
6HC P     OP3    sing N N 44  
6HC P     "O5'"  sing N N 45  
6HC OP2   HOP2   sing N N 46  
6HC OP3   HOP3   sing N N 47  
6HC "O5'" "C5'"  sing N N 48  
6HC "C5'" "C4'"  sing N N 49  
6HC "C5'" "H5'"  sing N N 50  
6HC "C5'" "H5''" sing N N 51  
6HC "C4'" "O4'"  sing N N 52  
6HC "C4'" "C3'"  sing N N 53  
6HC "C4'" "H4'"  sing N N 54  
6HC "O4'" "C6'"  sing N N 55  
6HC "C3'" "O3'"  sing N N 56  
6HC "C3'" "C2'"  sing N N 57  
6HC "C3'" "H3'"  sing N N 58  
6HC "O3'" "HO3'" sing N N 59  
6HC "C2'" "C1'"  sing N N 60  
6HC "C2'" "H2'"  sing N N 61  
6HC "C2'" "H2''" sing N N 62  
6HC "C1'" "C6'"  sing N N 63  
6HC "C1'" N1     sing N N 64  
6HC "C1'" "H1'"  sing N N 65  
6HC "C6'" "H6'1" sing N N 66  
6HC "C6'" "H6'2" sing N N 67  
6HC N1    C2     sing N N 68  
6HC N1    C6     sing N N 69  
6HC C2    O2     doub N N 70  
6HC C2    N3     sing N N 71  
6HC N3    C4     doub N N 72  
6HC C4    N4     sing N N 73  
6HC C4    C5     sing N N 74  
6HC N4    H41    sing N N 75  
6HC N4    H42    sing N N 76  
6HC C5    C6     doub N N 77  
6HC C5    H5     sing N N 78  
6HC C6    H6     sing N N 79  
6HG P     OP1    doub N N 80  
6HG P     OP2    sing N N 81  
6HG P     OP3    sing N N 82  
6HG P     "O5'"  sing N N 83  
6HG OP2   HOP2   sing N N 84  
6HG OP3   HOP3   sing N N 85  
6HG "O5'" "C5'"  sing N N 86  
6HG "C5'" "C4'"  sing N N 87  
6HG "C5'" "H5'"  sing N N 88  
6HG "C5'" "H5''" sing N N 89  
6HG "C4'" "O4'"  sing N N 90  
6HG "C4'" "C3'"  sing N N 91  
6HG "C4'" "H4'"  sing N N 92  
6HG "O4'" "C6'"  sing N N 93  
6HG "C3'" "O3'"  sing N N 94  
6HG "C3'" "C2'"  sing N N 95  
6HG "C3'" "H3'"  sing N N 96  
6HG "O3'" "HO3'" sing N N 97  
6HG "C2'" "C1'"  sing N N 98  
6HG "C2'" "H2'"  sing N N 99  
6HG "C2'" "H2''" sing N N 100 
6HG "C1'" "C6'"  sing N N 101 
6HG "C1'" N9     sing N N 102 
6HG "C1'" "H1'"  sing N N 103 
6HG "C6'" "H6'1" sing N N 104 
6HG "C6'" "H6'2" sing N N 105 
6HG N9    C8     sing Y N 106 
6HG N9    C4     sing Y N 107 
6HG C8    N7     doub Y N 108 
6HG C8    H8     sing N N 109 
6HG N7    C5     sing Y N 110 
6HG C5    C6     sing N N 111 
6HG C5    C4     doub Y N 112 
6HG C6    O6     doub N N 113 
6HG C6    N1     sing N N 114 
6HG N1    C2     sing N N 115 
6HG N1    H1     sing N N 116 
6HG C2    N2     sing N N 117 
6HG C2    N3     doub N N 118 
6HG N2    H21    sing N N 119 
6HG N2    H22    sing N N 120 
6HG N3    C4     sing N N 121 
6HT P     OP1    doub N N 122 
6HT P     OP2    sing N N 123 
6HT P     OP3    sing N N 124 
6HT P     "O5'"  sing N N 125 
6HT OP2   HOP2   sing N N 126 
6HT OP3   HOP3   sing N N 127 
6HT "O5'" "C5'"  sing N N 128 
6HT "C5'" "C4'"  sing N N 129 
6HT "C5'" "H5'"  sing N N 130 
6HT "C5'" "H5''" sing N N 131 
6HT "C4'" "O4'"  sing N N 132 
6HT "C4'" "C3'"  sing N N 133 
6HT "C4'" "H4'"  sing N N 134 
6HT "O4'" "C6'"  sing N N 135 
6HT "C3'" "O3'"  sing N N 136 
6HT "C3'" "C2'"  sing N N 137 
6HT "C3'" "H3'"  sing N N 138 
6HT "O3'" "HO3'" sing N N 139 
6HT "C2'" "C1'"  sing N N 140 
6HT "C2'" "H2'"  sing N N 141 
6HT "C2'" "H2''" sing N N 142 
6HT "C1'" "C6'"  sing N N 143 
6HT "C1'" N1     sing N N 144 
6HT "C1'" "H1'"  sing N N 145 
6HT "C6'" "H6'1" sing N N 146 
6HT "C6'" "H6'2" sing N N 147 
6HT N1    C2     sing N N 148 
6HT N1    C6     sing N N 149 
6HT C2    O2     doub N N 150 
6HT C2    N3     sing N N 151 
6HT N3    C4     sing N N 152 
6HT N3    H3     sing N N 153 
6HT C4    O4     doub N N 154 
6HT C4    C5     sing N N 155 
6HT C5    C5M    sing N N 156 
6HT C5    C6     doub N N 157 
6HT C5M   H71    sing N N 158 
6HT C5M   H72    sing N N 159 
6HT C5M   H73    sing N N 160 
6HT C6    H6     sing N N 161 
A   OP3   P      sing N N 162 
A   OP3   HOP3   sing N N 163 
A   P     OP1    doub N N 164 
A   P     OP2    sing N N 165 
A   P     "O5'"  sing N N 166 
A   OP2   HOP2   sing N N 167 
A   "O5'" "C5'"  sing N N 168 
A   "C5'" "C4'"  sing N N 169 
A   "C5'" "H5'"  sing N N 170 
A   "C5'" "H5''" sing N N 171 
A   "C4'" "O4'"  sing N N 172 
A   "C4'" "C3'"  sing N N 173 
A   "C4'" "H4'"  sing N N 174 
A   "O4'" "C1'"  sing N N 175 
A   "C3'" "O3'"  sing N N 176 
A   "C3'" "C2'"  sing N N 177 
A   "C3'" "H3'"  sing N N 178 
A   "O3'" "HO3'" sing N N 179 
A   "C2'" "O2'"  sing N N 180 
A   "C2'" "C1'"  sing N N 181 
A   "C2'" "H2'"  sing N N 182 
A   "O2'" "HO2'" sing N N 183 
A   "C1'" N9     sing N N 184 
A   "C1'" "H1'"  sing N N 185 
A   N9    C8     sing Y N 186 
A   N9    C4     sing Y N 187 
A   C8    N7     doub Y N 188 
A   C8    H8     sing N N 189 
A   N7    C5     sing Y N 190 
A   C5    C6     sing Y N 191 
A   C5    C4     doub Y N 192 
A   C6    N6     sing N N 193 
A   C6    N1     doub Y N 194 
A   N6    H61    sing N N 195 
A   N6    H62    sing N N 196 
A   N1    C2     sing Y N 197 
A   C2    N3     doub Y N 198 
A   C2    H2     sing N N 199 
A   N3    C4     sing Y N 200 
C   OP3   P      sing N N 201 
C   OP3   HOP3   sing N N 202 
C   P     OP1    doub N N 203 
C   P     OP2    sing N N 204 
C   P     "O5'"  sing N N 205 
C   OP2   HOP2   sing N N 206 
C   "O5'" "C5'"  sing N N 207 
C   "C5'" "C4'"  sing N N 208 
C   "C5'" "H5'"  sing N N 209 
C   "C5'" "H5''" sing N N 210 
C   "C4'" "O4'"  sing N N 211 
C   "C4'" "C3'"  sing N N 212 
C   "C4'" "H4'"  sing N N 213 
C   "O4'" "C1'"  sing N N 214 
C   "C3'" "O3'"  sing N N 215 
C   "C3'" "C2'"  sing N N 216 
C   "C3'" "H3'"  sing N N 217 
C   "O3'" "HO3'" sing N N 218 
C   "C2'" "O2'"  sing N N 219 
C   "C2'" "C1'"  sing N N 220 
C   "C2'" "H2'"  sing N N 221 
C   "O2'" "HO2'" sing N N 222 
C   "C1'" N1     sing N N 223 
C   "C1'" "H1'"  sing N N 224 
C   N1    C2     sing N N 225 
C   N1    C6     sing N N 226 
C   C2    O2     doub N N 227 
C   C2    N3     sing N N 228 
C   N3    C4     doub N N 229 
C   C4    N4     sing N N 230 
C   C4    C5     sing N N 231 
C   N4    H41    sing N N 232 
C   N4    H42    sing N N 233 
C   C5    C6     doub N N 234 
C   C5    H5     sing N N 235 
C   C6    H6     sing N N 236 
G   OP3   P      sing N N 237 
G   OP3   HOP3   sing N N 238 
G   P     OP1    doub N N 239 
G   P     OP2    sing N N 240 
G   P     "O5'"  sing N N 241 
G   OP2   HOP2   sing N N 242 
G   "O5'" "C5'"  sing N N 243 
G   "C5'" "C4'"  sing N N 244 
G   "C5'" "H5'"  sing N N 245 
G   "C5'" "H5''" sing N N 246 
G   "C4'" "O4'"  sing N N 247 
G   "C4'" "C3'"  sing N N 248 
G   "C4'" "H4'"  sing N N 249 
G   "O4'" "C1'"  sing N N 250 
G   "C3'" "O3'"  sing N N 251 
G   "C3'" "C2'"  sing N N 252 
G   "C3'" "H3'"  sing N N 253 
G   "O3'" "HO3'" sing N N 254 
G   "C2'" "O2'"  sing N N 255 
G   "C2'" "C1'"  sing N N 256 
G   "C2'" "H2'"  sing N N 257 
G   "O2'" "HO2'" sing N N 258 
G   "C1'" N9     sing N N 259 
G   "C1'" "H1'"  sing N N 260 
G   N9    C8     sing Y N 261 
G   N9    C4     sing Y N 262 
G   C8    N7     doub Y N 263 
G   C8    H8     sing N N 264 
G   N7    C5     sing Y N 265 
G   C5    C6     sing N N 266 
G   C5    C4     doub Y N 267 
G   C6    O6     doub N N 268 
G   C6    N1     sing N N 269 
G   N1    C2     sing N N 270 
G   N1    H1     sing N N 271 
G   C2    N2     sing N N 272 
G   C2    N3     doub N N 273 
G   N2    H21    sing N N 274 
G   N2    H22    sing N N 275 
G   N3    C4     sing N N 276 
PDI O3P   P      sing N N 277 
PDI O3P   HOP3   sing N N 278 
PDI P     O1P    doub N N 279 
PDI P     O2P    sing N N 280 
PDI P     OA     sing N N 281 
PDI O2P   HOP2   sing N N 282 
PDI OA    CA     sing N N 283 
PDI CA    CB     sing N N 284 
PDI CA    HA1    sing N N 285 
PDI CA    HA2    sing N N 286 
PDI CB    CG     sing N N 287 
PDI CB    HB1    sing N N 288 
PDI CB    HB2    sing N N 289 
PDI CG    OG     sing N N 290 
PDI CG    HG1    sing N N 291 
PDI CG    HG2    sing N N 292 
PDI OG    HGT    sing N N 293 
U   OP3   P      sing N N 294 
U   OP3   HOP3   sing N N 295 
U   P     OP1    doub N N 296 
U   P     OP2    sing N N 297 
U   P     "O5'"  sing N N 298 
U   OP2   HOP2   sing N N 299 
U   "O5'" "C5'"  sing N N 300 
U   "C5'" "C4'"  sing N N 301 
U   "C5'" "H5'"  sing N N 302 
U   "C5'" "H5''" sing N N 303 
U   "C4'" "O4'"  sing N N 304 
U   "C4'" "C3'"  sing N N 305 
U   "C4'" "H4'"  sing N N 306 
U   "O4'" "C1'"  sing N N 307 
U   "C3'" "O3'"  sing N N 308 
U   "C3'" "C2'"  sing N N 309 
U   "C3'" "H3'"  sing N N 310 
U   "O3'" "HO3'" sing N N 311 
U   "C2'" "O2'"  sing N N 312 
U   "C2'" "C1'"  sing N N 313 
U   "C2'" "H2'"  sing N N 314 
U   "O2'" "HO2'" sing N N 315 
U   "C1'" N1     sing N N 316 
U   "C1'" "H1'"  sing N N 317 
U   N1    C2     sing N N 318 
U   N1    C6     sing N N 319 
U   C2    O2     doub N N 320 
U   C2    N3     sing N N 321 
U   N3    C4     sing N N 322 
U   N3    H3     sing N N 323 
U   C4    O4     doub N N 324 
U   C4    C5     sing N N 325 
U   C5    C6     doub N N 326 
U   C5    H5     sing N N 327 
U   C6    H6     sing N N 328 
# 
loop_
_ndb_struct_conf_na.entry_id 
_ndb_struct_conf_na.feature 
1EJZ 'double helix'        
1EJZ 'a-form double helix' 
# 
loop_
_ndb_struct_na_base_pair.model_number 
_ndb_struct_na_base_pair.i_label_asym_id 
_ndb_struct_na_base_pair.i_label_comp_id 
_ndb_struct_na_base_pair.i_label_seq_id 
_ndb_struct_na_base_pair.i_symmetry 
_ndb_struct_na_base_pair.j_label_asym_id 
_ndb_struct_na_base_pair.j_label_comp_id 
_ndb_struct_na_base_pair.j_label_seq_id 
_ndb_struct_na_base_pair.j_symmetry 
_ndb_struct_na_base_pair.shear 
_ndb_struct_na_base_pair.stretch 
_ndb_struct_na_base_pair.stagger 
_ndb_struct_na_base_pair.buckle 
_ndb_struct_na_base_pair.propeller 
_ndb_struct_na_base_pair.opening 
_ndb_struct_na_base_pair.pair_number 
_ndb_struct_na_base_pair.pair_name 
_ndb_struct_na_base_pair.i_auth_asym_id 
_ndb_struct_na_base_pair.i_auth_seq_id 
_ndb_struct_na_base_pair.i_PDB_ins_code 
_ndb_struct_na_base_pair.j_auth_asym_id 
_ndb_struct_na_base_pair.j_auth_seq_id 
_ndb_struct_na_base_pair.j_PDB_ins_code 
_ndb_struct_na_base_pair.hbond_type_28 
_ndb_struct_na_base_pair.hbond_type_12 
1 A C 1 1_555 B 6HG 8 1_555 0.333  -0.258 -0.020 14.355 -17.109 -1.121 1 A_C1:6HG16_B A 1 ? B 16 ? 19 1 
1 A G 2 1_555 B 6HC 7 1_555 -0.431 -0.343 0.282  16.687 -8.362  -1.486 2 A_G2:6HC15_B A 2 ? B 15 ? 19 1 
1 A C 3 1_555 B 6HG 6 1_555 0.508  -0.305 -0.332 22.729 -18.939 -0.518 3 A_C3:6HG14_B A 3 ? B 14 ? 19 1 
1 A U 4 1_555 B 6HA 5 1_555 0.113  -0.306 -0.165 19.044 -21.429 2.385  4 A_U4:6HA13_B A 4 ? B 13 ? 20 1 
1 A A 5 1_555 B 6HT 4 1_555 0.129  -0.326 0.573  13.829 -17.719 -3.429 5 A_A5:6HT12_B A 5 ? B 12 ? 20 1 
1 A C 6 1_555 B 6HG 3 1_555 0.563  -0.364 -0.073 18.578 -27.031 -3.957 6 A_C6:6HG11_B A 6 ? B 11 ? 19 1 
1 A G 7 1_555 B 6HC 2 1_555 -0.243 -0.300 0.194  7.665  -13.548 0.623  7 A_G7:6HC10_B A 7 ? B 10 ? 19 1 
1 A C 8 1_555 B 6HG 1 1_555 0.873  -0.313 -0.301 20.666 -20.382 2.380  8 A_C8:6HG9_B  A 8 ? B 9  ? 19 1 
# 
loop_
_ndb_struct_na_base_pair_step.model_number 
_ndb_struct_na_base_pair_step.i_label_asym_id_1 
_ndb_struct_na_base_pair_step.i_label_comp_id_1 
_ndb_struct_na_base_pair_step.i_label_seq_id_1 
_ndb_struct_na_base_pair_step.i_symmetry_1 
_ndb_struct_na_base_pair_step.j_label_asym_id_1 
_ndb_struct_na_base_pair_step.j_label_comp_id_1 
_ndb_struct_na_base_pair_step.j_label_seq_id_1 
_ndb_struct_na_base_pair_step.j_symmetry_1 
_ndb_struct_na_base_pair_step.i_label_asym_id_2 
_ndb_struct_na_base_pair_step.i_label_comp_id_2 
_ndb_struct_na_base_pair_step.i_label_seq_id_2 
_ndb_struct_na_base_pair_step.i_symmetry_2 
_ndb_struct_na_base_pair_step.j_label_asym_id_2 
_ndb_struct_na_base_pair_step.j_label_comp_id_2 
_ndb_struct_na_base_pair_step.j_label_seq_id_2 
_ndb_struct_na_base_pair_step.j_symmetry_2 
_ndb_struct_na_base_pair_step.shift 
_ndb_struct_na_base_pair_step.slide 
_ndb_struct_na_base_pair_step.rise 
_ndb_struct_na_base_pair_step.tilt 
_ndb_struct_na_base_pair_step.roll 
_ndb_struct_na_base_pair_step.twist 
_ndb_struct_na_base_pair_step.x_displacement 
_ndb_struct_na_base_pair_step.y_displacement 
_ndb_struct_na_base_pair_step.helical_rise 
_ndb_struct_na_base_pair_step.inclination 
_ndb_struct_na_base_pair_step.tip 
_ndb_struct_na_base_pair_step.helical_twist 
_ndb_struct_na_base_pair_step.step_number 
_ndb_struct_na_base_pair_step.step_name 
_ndb_struct_na_base_pair_step.i_auth_asym_id_1 
_ndb_struct_na_base_pair_step.i_auth_seq_id_1 
_ndb_struct_na_base_pair_step.i_PDB_ins_code_1 
_ndb_struct_na_base_pair_step.j_auth_asym_id_1 
_ndb_struct_na_base_pair_step.j_auth_seq_id_1 
_ndb_struct_na_base_pair_step.j_PDB_ins_code_1 
_ndb_struct_na_base_pair_step.i_auth_asym_id_2 
_ndb_struct_na_base_pair_step.i_auth_seq_id_2 
_ndb_struct_na_base_pair_step.i_PDB_ins_code_2 
_ndb_struct_na_base_pair_step.j_auth_asym_id_2 
_ndb_struct_na_base_pair_step.j_auth_seq_id_2 
_ndb_struct_na_base_pair_step.j_PDB_ins_code_2 
1 A C 1 1_555 B 6HG 8 1_555 A G 2 1_555 B 6HC 7 1_555 -0.887 -1.325 2.868 -4.064 12.559 36.934 -3.227 0.920  2.391 19.092 6.178  
39.144 1 AA_C1G2:6HC156HG16_BB A 1 ? B 16 ? A 2 ? B 15 ? 
1 A G 2 1_555 B 6HC 7 1_555 A C 3 1_555 B 6HG 6 1_555 0.280  -1.341 3.159 3.905  -1.906 33.726 -1.994 0.134  3.238 -3.268 -6.696 
33.996 2 AA_G2C3:6HG146HC15_BB A 2 ? B 15 ? A 3 ? B 14 ? 
1 A C 3 1_555 B 6HG 6 1_555 A U 4 1_555 B 6HA 5 1_555 0.169  -1.047 3.206 1.967  10.578 34.115 -3.139 -0.009 2.774 17.499 -3.253 
35.723 3 AA_C3U4:6HA136HG14_BB A 3 ? B 14 ? A 4 ? B 13 ? 
1 A U 4 1_555 B 6HA 5 1_555 A A 5 1_555 B 6HT 4 1_555 -0.558 -0.909 3.253 -2.374 10.925 37.732 -2.605 0.558  2.918 16.456 3.575  
39.295 4 AA_U4A5:6HT126HA13_BB A 4 ? B 13 ? A 5 ? B 12 ? 
1 A A 5 1_555 B 6HT 4 1_555 A C 6 1_555 B 6HG 3 1_555 -0.193 -1.251 3.152 5.042  -2.848 35.839 -1.620 0.998  3.183 -4.591 -8.127 
36.288 5 AA_A5C6:6HG116HT12_BB A 5 ? B 12 ? A 6 ? B 11 ? 
1 A C 6 1_555 B 6HG 3 1_555 A G 7 1_555 B 6HC 2 1_555 0.502  -1.578 3.197 -0.627 15.477 30.864 -4.757 -0.932 2.173 27.049 1.095  
34.448 6 AA_C6G7:6HC106HG11_BB A 6 ? B 11 ? A 7 ? B 10 ? 
1 A G 7 1_555 B 6HC 2 1_555 A C 8 1_555 B 6HG 1 1_555 -0.039 -1.288 2.886 4.378  2.457  35.721 -2.384 0.602  2.771 3.981  -7.093 
36.061 7 AA_G7C8:6HG96HC10_BB  A 7 ? B 10 ? A 8 ? B 9  ? 
# 
loop_
_pdbx_nmr_spectrometer.spectrometer_id 
_pdbx_nmr_spectrometer.model 
_pdbx_nmr_spectrometer.manufacturer 
_pdbx_nmr_spectrometer.field_strength 
_pdbx_nmr_spectrometer.type 
1 UNITY     Varian 500 ? 
2 UNITYPLUS Varian 500 ? 
# 
_atom_sites.entry_id                    1EJZ 
_atom_sites.fract_transf_matrix[1][1]   1.000000 
_atom_sites.fract_transf_matrix[1][2]   0.000000 
_atom_sites.fract_transf_matrix[1][3]   0.000000 
_atom_sites.fract_transf_matrix[2][1]   0.000000 
_atom_sites.fract_transf_matrix[2][2]   1.000000 
_atom_sites.fract_transf_matrix[2][3]   0.000000 
_atom_sites.fract_transf_matrix[3][1]   0.000000 
_atom_sites.fract_transf_matrix[3][2]   0.000000 
_atom_sites.fract_transf_matrix[3][3]   1.000000 
_atom_sites.fract_transf_vector[1]      0.00000 
_atom_sites.fract_transf_vector[2]      0.00000 
_atom_sites.fract_transf_vector[3]      0.00000 
# 
loop_
_atom_type.symbol 
C 
H 
N 
O 
P 
# 
loop_
_atom_site.group_PDB 
_atom_site.id 
_atom_site.type_symbol 
_atom_site.label_atom_id 
_atom_site.label_alt_id 
_atom_site.label_comp_id 
_atom_site.label_asym_id 
_atom_site.label_entity_id 
_atom_site.label_seq_id 
_atom_site.pdbx_PDB_ins_code 
_atom_site.Cartn_x 
_atom_site.Cartn_y 
_atom_site.Cartn_z 
_atom_site.occupancy 
_atom_site.B_iso_or_equiv 
_atom_site.pdbx_formal_charge 
_atom_site.auth_seq_id 
_atom_site.auth_comp_id 
_atom_site.auth_asym_id 
_atom_site.auth_atom_id 
_atom_site.pdbx_PDB_model_num 
ATOM   1   O "O5'"  . C   A 1 1 ? -10.281 15.240 -9.101 1.00 0.99 ? 1  C   A "O5'"  1 
ATOM   2   C "C5'"  . C   A 1 1 ? -10.473 14.693 -7.788 1.00 0.83 ? 1  C   A "C5'"  1 
ATOM   3   C "C4'"  . C   A 1 1 ? -10.626 13.180 -7.809 1.00 0.62 ? 1  C   A "C4'"  1 
ATOM   4   O "O4'"  . C   A 1 1 ? -9.459  12.547 -8.332 1.00 0.57 ? 1  C   A "O4'"  1 
ATOM   5   C "C3'"  . C   A 1 1 ? -10.839 12.652 -6.399 1.00 0.65 ? 1  C   A "C3'"  1 
ATOM   6   O "O3'"  . C   A 1 1 ? -12.219 12.681 -6.020 1.00 0.80 ? 1  C   A "O3'"  1 
ATOM   7   C "C2'"  . C   A 1 1 ? -10.308 11.229 -6.528 1.00 0.64 ? 1  C   A "C2'"  1 
ATOM   8   O "O2'"  . C   A 1 1 ? -11.299 10.339 -7.056 1.00 0.84 ? 1  C   A "O2'"  1 
ATOM   9   C "C1'"  . C   A 1 1 ? -9.152  11.424 -7.501 1.00 0.53 ? 1  C   A "C1'"  1 
ATOM   10  N N1     . C   A 1 1 ? -7.886  11.634 -6.764 1.00 0.48 ? 1  C   A N1     1 
ATOM   11  C C2     . C   A 1 1 ? -7.290  10.520 -6.187 1.00 0.51 ? 1  C   A C2     1 
ATOM   12  O O2     . C   A 1 1 ? -7.805  9.408  -6.301 1.00 0.67 ? 1  C   A O2     1 
ATOM   13  N N3     . C   A 1 1 ? -6.135  10.692 -5.494 1.00 0.53 ? 1  C   A N3     1 
ATOM   14  C C4     . C   A 1 1 ? -5.581  11.901 -5.369 1.00 0.56 ? 1  C   A C4     1 
ATOM   15  N N4     . C   A 1 1 ? -4.442  12.023 -4.687 1.00 0.66 ? 1  C   A N4     1 
ATOM   16  C C5     . C   A 1 1 ? -6.186  13.056 -5.960 1.00 0.65 ? 1  C   A C5     1 
ATOM   17  C C6     . C   A 1 1 ? -7.332  12.877 -6.647 1.00 0.59 ? 1  C   A C6     1 
ATOM   18  H "H5'"  . C   A 1 1 ? -11.373 15.156 -7.345 1.00 0.98 ? 1  C   A "H5'"  1 
ATOM   19  H "H5''" . C   A 1 1 ? -9.611  14.913 -7.174 1.00 0.89 ? 1  C   A "H5''" 1 
ATOM   20  H "H4'"  . C   A 1 1 ? -11.486 12.915 -8.429 1.00 0.71 ? 1  C   A "H4'"  1 
ATOM   21  H "H3'"  . C   A 1 1 ? -10.224 13.217 -5.691 1.00 0.73 ? 1  C   A "H3'"  1 
ATOM   22  H "H2'"  . C   A 1 1 ? -9.932  10.871 -5.563 1.00 0.72 ? 1  C   A "H2'"  1 
ATOM   23  H "HO2'" . C   A 1 1 ? -12.123 10.522 -6.594 1.00 1.20 ? 1  C   A "HO2'" 1 
ATOM   24  H "H1'"  . C   A 1 1 ? -9.056  10.535 -8.126 1.00 0.64 ? 1  C   A "H1'"  1 
ATOM   25  H H41    . C   A 1 1 ? -4.011  11.207 -4.273 1.00 0.69 ? 1  C   A H41    1 
ATOM   26  H H42    . C   A 1 1 ? -4.008  12.931 -4.591 1.00 0.78 ? 1  C   A H42    1 
ATOM   27  H H5     . C   A 1 1 ? -5.737  14.043 -5.859 1.00 0.83 ? 1  C   A H5     1 
ATOM   28  H H6     . C   A 1 1 ? -7.818  13.731 -7.116 1.00 0.74 ? 1  C   A H6     1 
ATOM   29  H "HO5'" . C   A 1 1 ? -9.595  14.719 -9.530 1.00 1.45 ? 1  C   A "HO5'" 1 
ATOM   30  P P      . G   A 1 2 ? -12.633 12.984 -4.494 1.00 0.83 ? 2  G   A P      1 
ATOM   31  O OP1    . G   A 1 2 ? -14.049 13.411 -4.479 1.00 1.08 ? 2  G   A OP1    1 
ATOM   32  O OP2    . G   A 1 2 ? -11.589 13.844 -3.890 1.00 0.90 ? 2  G   A OP2    1 
ATOM   33  O "O5'"  . G   A 1 2 ? -12.538 11.525 -3.820 1.00 0.65 ? 2  G   A "O5'"  1 
ATOM   34  C "C5'"  . G   A 1 2 ? -13.624 10.592 -3.935 1.00 0.63 ? 2  G   A "C5'"  1 
ATOM   35  C "C4'"  . G   A 1 2 ? -13.393 9.338  -3.110 1.00 0.51 ? 2  G   A "C4'"  1 
ATOM   36  O "O4'"  . G   A 1 2 ? -12.286 8.594  -3.615 1.00 0.50 ? 2  G   A "O4'"  1 
ATOM   37  C "C3'"  . G   A 1 2 ? -13.094 9.702  -1.661 1.00 0.40 ? 2  G   A "C3'"  1 
ATOM   38  O "O3'"  . G   A 1 2 ? -14.291 9.811  -0.876 1.00 0.42 ? 2  G   A "O3'"  1 
ATOM   39  C "C2'"  . G   A 1 2 ? -12.221 8.523  -1.239 1.00 0.36 ? 2  G   A "C2'"  1 
ATOM   40  O "O2'"  . G   A 1 2 ? -13.007 7.381  -0.878 1.00 0.44 ? 2  G   A "O2'"  1 
ATOM   41  C "C1'"  . G   A 1 2 ? -11.436 8.272  -2.517 1.00 0.42 ? 2  G   A "C1'"  1 
ATOM   42  N N9     . G   A 1 2 ? -10.218 9.097  -2.543 1.00 0.43 ? 2  G   A N9     1 
ATOM   43  C C8     . G   A 1 2 ? -10.009 10.302 -3.124 1.00 0.50 ? 2  G   A C8     1 
ATOM   44  N N7     . G   A 1 2 ? -8.844  10.836 -2.992 1.00 0.51 ? 2  G   A N7     1 
ATOM   45  C C5     . G   A 1 2 ? -8.178  9.875  -2.228 1.00 0.43 ? 2  G   A C5     1 
ATOM   46  C C6     . G   A 1 2 ? -6.850  9.868  -1.740 1.00 0.44 ? 2  G   A C6     1 
ATOM   47  O O6     . G   A 1 2 ? -5.976  10.716 -1.896 1.00 0.53 ? 2  G   A O6     1 
ATOM   48  N N1     . G   A 1 2 ? -6.582  8.721  -1.012 1.00 0.41 ? 2  G   A N1     1 
ATOM   49  C C2     . G   A 1 2 ? -7.476  7.699  -0.783 1.00 0.38 ? 2  G   A C2     1 
ATOM   50  N N2     . G   A 1 2 ? -7.031  6.678  -0.063 1.00 0.44 ? 2  G   A N2     1 
ATOM   51  N N3     . G   A 1 2 ? -8.728  7.693  -1.238 1.00 0.38 ? 2  G   A N3     1 
ATOM   52  C C4     . G   A 1 2 ? -9.013  8.807  -1.948 1.00 0.39 ? 2  G   A C4     1 
ATOM   53  H "H5'"  . G   A 1 2 ? -13.750 10.328 -4.993 1.00 0.74 ? 2  G   A "H5'"  1 
ATOM   54  H "H5''" . G   A 1 2 ? -14.529 11.050 -3.561 1.00 0.70 ? 2  G   A "H5''" 1 
ATOM   55  H "H4'"  . G   A 1 2 ? -14.288 8.719  -3.147 1.00 0.59 ? 2  G   A "H4'"  1 
ATOM   56  H "H3'"  . G   A 1 2 ? -12.508 10.629 -1.623 1.00 0.44 ? 2  G   A "H3'"  1 
ATOM   57  H "H2'"  . G   A 1 2 ? -11.549 8.813  -0.430 1.00 0.37 ? 2  G   A "H2'"  1 
ATOM   58  H "HO2'" . G   A 1 2 ? -13.134 7.415  0.074  1.00 1.06 ? 2  G   A "HO2'" 1 
ATOM   59  H "H1'"  . G   A 1 2 ? -11.158 7.219  -2.568 1.00 0.46 ? 2  G   A "H1'"  1 
ATOM   60  H H8     . G   A 1 2 ? -10.802 10.807 -3.676 1.00 0.57 ? 2  G   A H8     1 
ATOM   61  H H1     . G   A 1 2 ? -5.652  8.649  -0.625 1.00 0.44 ? 2  G   A H1     1 
ATOM   62  H H21    . G   A 1 2 ? -6.085  6.685  0.295  1.00 0.48 ? 2  G   A H21    1 
ATOM   63  H H22    . G   A 1 2 ? -7.642  5.901  0.138  1.00 0.48 ? 2  G   A H22    1 
ATOM   64  P P      . C   A 1 3 ? -14.374 10.842 0.362  1.00 0.39 ? 3  C   A P      1 
ATOM   65  O OP1    . C   A 1 3 ? -15.773 10.869 0.842  1.00 0.46 ? 3  C   A OP1    1 
ATOM   66  O OP2    . C   A 1 3 ? -13.697 12.100 -0.026 1.00 0.50 ? 3  C   A OP2    1 
ATOM   67  O "O5'"  . C   A 1 3 ? -13.473 10.114 1.476  1.00 0.35 ? 3  C   A "O5'"  1 
ATOM   68  C "C5'"  . C   A 1 3 ? -13.812 8.799  1.937  1.00 0.34 ? 3  C   A "C5'"  1 
ATOM   69  C "C4'"  . C   A 1 3 ? -12.622 8.073  2.532  1.00 0.32 ? 3  C   A "C4'"  1 
ATOM   70  O "O4'"  . C   A 1 3 ? -11.576 7.927  1.576  1.00 0.34 ? 3  C   A "O4'"  1 
ATOM   71  C "C3'"  . C   A 1 3 ? -12.055 8.845  3.711  1.00 0.31 ? 3  C   A "C3'"  1 
ATOM   72  O "O3'"  . C   A 1 3 ? -12.758 8.559  4.924  1.00 0.37 ? 3  C   A "O3'"  1 
ATOM   73  C "C2'"  . C   A 1 3 ? -10.624 8.324  3.732  1.00 0.35 ? 3  C   A "C2'"  1 
ATOM   74  O "O2'"  . C   A 1 3 ? -10.536 7.064  4.407  1.00 0.44 ? 3  C   A "O2'"  1 
ATOM   75  C "C1'"  . C   A 1 3 ? -10.335 8.184  2.238  1.00 0.32 ? 3  C   A "C1'"  1 
ATOM   76  N N1     . C   A 1 3 ? -9.694  9.412  1.711  1.00 0.29 ? 3  C   A N1     1 
ATOM   77  C C2     . C   A 1 3 ? -8.318  9.525  1.849  1.00 0.33 ? 3  C   A C2     1 
ATOM   78  O O2     . C   A 1 3 ? -7.669  8.626  2.380  1.00 0.39 ? 3  C   A O2     1 
ATOM   79  N N3     . C   A 1 3 ? -7.712  10.651 1.384  1.00 0.36 ? 3  C   A N3     1 
ATOM   80  C C4     . C   A 1 3 ? -8.422  11.628 0.809  1.00 0.35 ? 3  C   A C4     1 
ATOM   81  N N4     . C   A 1 3 ? -7.791  12.718 0.373  1.00 0.42 ? 3  C   A N4     1 
ATOM   82  C C5     . C   A 1 3 ? -9.840  11.521 0.661  1.00 0.32 ? 3  C   A C5     1 
ATOM   83  C C6     . C   A 1 3 ? -10.433 10.402 1.123  1.00 0.30 ? 3  C   A C6     1 
ATOM   84  H "H5'"  . C   A 1 3 ? -14.218 8.224  1.090  1.00 0.38 ? 3  C   A "H5'"  1 
ATOM   85  H "H5''" . C   A 1 3 ? -14.559 8.872  2.716  1.00 0.38 ? 3  C   A "H5''" 1 
ATOM   86  H "H4'"  . C   A 1 3 ? -12.937 7.087  2.870  1.00 0.35 ? 3  C   A "H4'"  1 
ATOM   87  H "H3'"  . C   A 1 3 ? -12.059 9.919  3.494  1.00 0.31 ? 3  C   A "H3'"  1 
ATOM   88  H "H2'"  . C   A 1 3 ? -9.953  9.060  4.183  1.00 0.38 ? 3  C   A "H2'"  1 
ATOM   89  H "HO2'" . C   A 1 3 ? -11.158 7.088  5.138  1.00 0.90 ? 3  C   A "HO2'" 1 
ATOM   90  H "H1'"  . C   A 1 3 ? -9.666  7.338  2.083  1.00 0.37 ? 3  C   A "H1'"  1 
ATOM   91  H H41    . C   A 1 3 ? -6.785  12.794 0.476  1.00 0.48 ? 3  C   A H41    1 
ATOM   92  H H42    . C   A 1 3 ? -8.313  13.464 -0.060 1.00 0.45 ? 3  C   A H42    1 
ATOM   93  H H5     . C   A 1 3 ? -10.419 12.315 0.193  1.00 0.37 ? 3  C   A H5     1 
ATOM   94  H H6     . C   A 1 3 ? -11.511 10.285 1.025  1.00 0.33 ? 3  C   A H6     1 
ATOM   95  P P      . U   A 1 4 ? -13.264 9.763  5.870  1.00 0.36 ? 4  U   A P      1 
ATOM   96  O OP1    . U   A 1 4 ? -14.443 9.291  6.627  1.00 0.47 ? 4  U   A OP1    1 
ATOM   97  O OP2    . U   A 1 4 ? -13.350 10.993 5.052  1.00 0.42 ? 4  U   A OP2    1 
ATOM   98  O "O5'"  . U   A 1 4 ? -12.037 9.931  6.895  1.00 0.36 ? 4  U   A "O5'"  1 
ATOM   99  C "C5'"  . U   A 1 4 ? -11.633 8.841  7.736  1.00 0.37 ? 4  U   A "C5'"  1 
ATOM   100 C "C4'"  . U   A 1 4 ? -10.156 8.899  8.074  1.00 0.36 ? 4  U   A "C4'"  1 
ATOM   101 O "O4'"  . U   A 1 4 ? -9.359  8.790  6.897  1.00 0.37 ? 4  U   A "O4'"  1 
ATOM   102 C "C3'"  . U   A 1 4 ? -9.809  10.218 8.747  1.00 0.39 ? 4  U   A "C3'"  1 
ATOM   103 O "O3'"  . U   A 1 4 ? -10.032 10.170 10.161 1.00 0.49 ? 4  U   A "O3'"  1 
ATOM   104 C "C2'"  . U   A 1 4 ? -8.331  10.347 8.396  1.00 0.42 ? 4  U   A "C2'"  1 
ATOM   105 O "O2'"  . U   A 1 4 ? -7.507  9.605  9.303  1.00 0.54 ? 4  U   A "O2'"  1 
ATOM   106 C "C1'"  . U   A 1 4 ? -8.301  9.746  6.991  1.00 0.36 ? 4  U   A "C1'"  1 
ATOM   107 N N1     . U   A 1 4 ? -8.449  10.806 5.967  1.00 0.31 ? 4  U   A N1     1 
ATOM   108 C C2     . U   A 1 4 ? -7.307  11.476 5.576  1.00 0.34 ? 4  U   A C2     1 
ATOM   109 O O2     . U   A 1 4 ? -6.201  11.214 6.037  1.00 0.42 ? 4  U   A O2     1 
ATOM   110 N N3     . U   A 1 4 ? -7.477  12.467 4.636  1.00 0.36 ? 4  U   A N3     1 
ATOM   111 C C4     . U   A 1 4 ? -8.665  12.849 4.052  1.00 0.37 ? 4  U   A C4     1 
ATOM   112 O O4     . U   A 1 4 ? -8.685  13.751 3.219  1.00 0.44 ? 4  U   A O4     1 
ATOM   113 C C5     . U   A 1 4 ? -9.812  12.101 4.513  1.00 0.35 ? 4  U   A C5     1 
ATOM   114 C C6     . U   A 1 4 ? -9.675  11.119 5.438  1.00 0.32 ? 4  U   A C6     1 
ATOM   115 H "H5'"  . U   A 1 4 ? -11.864 7.896  7.222  1.00 0.43 ? 4  U   A "H5'"  1 
ATOM   116 H "H5''" . U   A 1 4 ? -12.172 8.889  8.673  1.00 0.43 ? 4  U   A "H5''" 1 
ATOM   117 H "H4'"  . U   A 1 4 ? -9.911  8.078  8.747  1.00 0.43 ? 4  U   A "H4'"  1 
ATOM   118 H "H3'"  . U   A 1 4 ? -10.373 11.034 8.285  1.00 0.40 ? 4  U   A "H3'"  1 
ATOM   119 H "H2'"  . U   A 1 4 ? -8.036  11.398 8.363  1.00 0.47 ? 4  U   A "H2'"  1 
ATOM   120 H "HO2'" . U   A 1 4 ? -7.684  9.941  10.186 1.00 0.87 ? 4  U   A "HO2'" 1 
ATOM   121 H "H1'"  . U   A 1 4 ? -7.349  9.238  6.841  1.00 0.43 ? 4  U   A "H1'"  1 
ATOM   122 H H3     . U   A 1 4 ? -6.648  12.968 4.350  1.00 0.43 ? 4  U   A H3     1 
ATOM   123 H H5     . U   A 1 4 ? -10.800 12.331 4.114  1.00 0.42 ? 4  U   A H5     1 
ATOM   124 H H6     . U   A 1 4 ? -10.555 10.564 5.759  1.00 0.35 ? 4  U   A H6     1 
ATOM   125 P P      . A   A 1 5 ? -10.830 11.361 10.896 1.00 0.54 ? 5  A   A P      1 
ATOM   126 O OP1    . A   A 1 5 ? -11.486 10.806 12.101 1.00 0.69 ? 5  A   A OP1    1 
ATOM   127 O OP2    . A   A 1 5 ? -11.635 12.083 9.883  1.00 0.58 ? 5  A   A OP2    1 
ATOM   128 O "O5'"  . A   A 1 5 ? -9.636  12.328 11.374 1.00 0.55 ? 5  A   A "O5'"  1 
ATOM   129 C "C5'"  . A   A 1 5 ? -8.715  11.895 12.386 1.00 0.58 ? 5  A   A "C5'"  1 
ATOM   130 C "C4'"  . A   A 1 5 ? -7.393  12.635 12.322 1.00 0.51 ? 5  A   A "C4'"  1 
ATOM   131 O "O4'"  . A   A 1 5 ? -6.744  12.399 11.076 1.00 0.53 ? 5  A   A "O4'"  1 
ATOM   132 C "C3'"  . A   A 1 5 ? -7.606  14.135 12.467 1.00 0.43 ? 5  A   A "C3'"  1 
ATOM   133 O "O3'"  . A   A 1 5 ? -7.600  14.547 13.840 1.00 0.46 ? 5  A   A "O3'"  1 
ATOM   134 C "C2'"  . A   A 1 5 ? -6.408  14.677 11.695 1.00 0.40 ? 5  A   A "C2'"  1 
ATOM   135 O "O2'"  . A   A 1 5 ? -5.225  14.714 12.501 1.00 0.47 ? 5  A   A "O2'"  1 
ATOM   136 C "C1'"  . A   A 1 5 ? -6.284  13.652 10.577 1.00 0.44 ? 5  A   A "C1'"  1 
ATOM   137 N N9     . A   A 1 5 ? -7.074  14.072 9.409  1.00 0.39 ? 5  A   A N9     1 
ATOM   138 C C8     . A   A 1 5 ? -8.325  13.716 9.029  1.00 0.44 ? 5  A   A C8     1 
ATOM   139 N N7     . A   A 1 5 ? -8.796  14.253 7.954  1.00 0.44 ? 5  A   A N7     1 
ATOM   140 C C5     . A   A 1 5 ? -7.733  15.071 7.563  1.00 0.35 ? 5  A   A C5     1 
ATOM   141 C C6     . A   A 1 5 ? -7.554  15.940 6.489  1.00 0.34 ? 5  A   A C6     1 
ATOM   142 N N6     . A   A 1 5 ? -8.484  16.146 5.560  1.00 0.43 ? 5  A   A N6     1 
ATOM   143 N N1     . A   A 1 5 ? -6.381  16.592 6.409  1.00 0.33 ? 5  A   A N1     1 
ATOM   144 C C2     . A   A 1 5 ? -5.436  16.402 7.334  1.00 0.36 ? 5  A   A C2     1 
ATOM   145 N N3     . A   A 1 5 ? -5.501  15.602 8.388  1.00 0.36 ? 5  A   A N3     1 
ATOM   146 C C4     . A   A 1 5 ? -6.683  14.963 8.445  1.00 0.34 ? 5  A   A C4     1 
ATOM   147 H "H5'"  . A   A 1 5 ? -8.544  10.815 12.264 1.00 0.67 ? 5  A   A "H5'"  1 
ATOM   148 H "H5''" . A   A 1 5 ? -9.138  12.089 13.363 1.00 0.65 ? 5  A   A "H5''" 1 
ATOM   149 H "H4'"  . A   A 1 5 ? -6.751  12.285 13.131 1.00 0.57 ? 5  A   A "H4'"  1 
ATOM   150 H "H3'"  . A   A 1 5 ? -8.535  14.431 11.967 1.00 0.45 ? 5  A   A "H3'"  1 
ATOM   151 H "H2'"  . A   A 1 5 ? -6.633  15.664 11.280 1.00 0.38 ? 5  A   A "H2'"  1 
ATOM   152 H "HO2'" . A   A 1 5 ? -5.252  15.527 13.008 1.00 0.95 ? 5  A   A "HO2'" 1 
ATOM   153 H "H1'"  . A   A 1 5 ? -5.237  13.563 10.288 1.00 0.48 ? 5  A   A "H1'"  1 
ATOM   154 H H8     . A   A 1 5 ? -8.914  13.008 9.612  1.00 0.52 ? 5  A   A H8     1 
ATOM   155 H H61    . A   A 1 5 ? -8.303  16.787 4.798  1.00 0.45 ? 5  A   A H61    1 
ATOM   156 H H62    . A   A 1 5 ? -9.369  15.666 5.616  1.00 0.50 ? 5  A   A H62    1 
ATOM   157 H H2     . A   A 1 5 ? -4.512  16.968 7.214  1.00 0.43 ? 5  A   A H2     1 
ATOM   158 P P      . C   A 1 6 ? -8.358  15.896 14.289 1.00 0.46 ? 6  C   A P      1 
ATOM   159 O OP1    . C   A 1 6 ? -8.340  15.967 15.767 1.00 0.57 ? 6  C   A OP1    1 
ATOM   160 O OP2    . C   A 1 6 ? -9.643  15.975 13.558 1.00 0.52 ? 6  C   A OP2    1 
ATOM   161 O "O5'"  . C   A 1 6 ? -7.390  17.042 13.712 1.00 0.41 ? 6  C   A "O5'"  1 
ATOM   162 C "C5'"  . C   A 1 6 ? -6.092  17.252 14.284 1.00 0.41 ? 6  C   A "C5'"  1 
ATOM   163 C "C4'"  . C   A 1 6 ? -5.232  18.168 13.434 1.00 0.39 ? 6  C   A "C4'"  1 
ATOM   164 O "O4'"  . C   A 1 6 ? -5.065  17.644 12.117 1.00 0.39 ? 6  C   A "O4'"  1 
ATOM   165 C "C3'"  . C   A 1 6 ? -5.883  19.535 13.301 1.00 0.40 ? 6  C   A "C3'"  1 
ATOM   166 O "O3'"  . C   A 1 6 ? -5.559  20.391 14.400 1.00 0.47 ? 6  C   A "O3'"  1 
ATOM   167 C "C2'"  . C   A 1 6 ? -5.281  20.020 11.989 1.00 0.42 ? 6  C   A "C2'"  1 
ATOM   168 O "O2'"  . C   A 1 6 ? -3.968  20.563 12.183 1.00 0.51 ? 6  C   A "O2'"  1 
ATOM   169 C "C1'"  . C   A 1 6 ? -5.241  18.719 11.190 1.00 0.39 ? 6  C   A "C1'"  1 
ATOM   170 N N1     . C   A 1 6 ? -6.489  18.549 10.414 1.00 0.35 ? 6  C   A N1     1 
ATOM   171 C C2     . C   A 1 6 ? -6.510  19.040 9.117  1.00 0.40 ? 6  C   A C2     1 
ATOM   172 O O2     . C   A 1 6 ? -5.521  19.601 8.649  1.00 0.46 ? 6  C   A O2     1 
ATOM   173 N N3     . C   A 1 6 ? -7.648  18.898 8.393  1.00 0.39 ? 6  C   A N3     1 
ATOM   174 C C4     . C   A 1 6 ? -8.724  18.301 8.911  1.00 0.36 ? 6  C   A C4     1 
ATOM   175 N N4     . C   A 1 6 ? -9.819  18.183 8.166  1.00 0.42 ? 6  C   A N4     1 
ATOM   176 C C5     . C   A 1 6 ? -8.715  17.793 10.248 1.00 0.35 ? 6  C   A C5     1 
ATOM   177 C C6     . C   A 1 6 ? -7.582  17.935 10.961 1.00 0.34 ? 6  C   A C6     1 
ATOM   178 H "H5'"  . C   A 1 6 ? -5.598  16.277 14.407 1.00 0.46 ? 6  C   A "H5'"  1 
ATOM   179 H "H5''" . C   A 1 6 ? -6.199  17.727 15.248 1.00 0.44 ? 6  C   A "H5''" 1 
ATOM   180 H "H4'"  . C   A 1 6 ? -4.255  18.281 13.902 1.00 0.44 ? 6  C   A "H4'"  1 
ATOM   181 H "H3'"  . C   A 1 6 ? -6.967  19.421 13.195 1.00 0.40 ? 6  C   A "H3'"  1 
ATOM   182 H "H2'"  . C   A 1 6 ? -5.940  20.743 11.503 1.00 0.45 ? 6  C   A "H2'"  1 
ATOM   183 H "HO2'" . C   A 1 6 ? -3.985  21.053 13.010 1.00 0.96 ? 6  C   A "HO2'" 1 
ATOM   184 H "H1'"  . C   A 1 6 ? -4.393  18.742 10.502 1.00 0.46 ? 6  C   A "H1'"  1 
ATOM   185 H H41    . C   A 1 6 ? -9.826  18.544 7.222  1.00 0.46 ? 6  C   A H41    1 
ATOM   186 H H42    . C   A 1 6 ? -10.642 17.736 8.542  1.00 0.44 ? 6  C   A H42    1 
ATOM   187 H H5     . C   A 1 6 ? -9.594  17.308 10.673 1.00 0.38 ? 6  C   A H5     1 
ATOM   188 H H6     . C   A 1 6 ? -7.537  17.562 11.983 1.00 0.36 ? 6  C   A H6     1 
ATOM   189 P P      . G   A 1 7 ? -6.688  21.349 15.026 1.00 0.54 ? 7  G   A P      1 
ATOM   190 O OP1    . G   A 1 7 ? -6.136  21.993 16.239 1.00 0.65 ? 7  G   A OP1    1 
ATOM   191 O OP2    . G   A 1 7 ? -7.954  20.585 15.107 1.00 0.64 ? 7  G   A OP2    1 
ATOM   192 O "O5'"  . G   A 1 7 ? -6.852  22.472 13.885 1.00 0.50 ? 7  G   A "O5'"  1 
ATOM   193 C "C5'"  . G   A 1 7 ? -5.798  23.416 13.646 1.00 0.49 ? 7  G   A "C5'"  1 
ATOM   194 C "C4'"  . G   A 1 7 ? -5.971  24.169 12.338 1.00 0.49 ? 7  G   A "C4'"  1 
ATOM   195 O "O4'"  . G   A 1 7 ? -5.946  23.285 11.223 1.00 0.54 ? 7  G   A "O4'"  1 
ATOM   196 C "C3'"  . G   A 1 7 ? -7.302  24.901 12.292 1.00 0.47 ? 7  G   A "C3'"  1 
ATOM   197 O "O3'"  . G   A 1 7 ? -7.260  26.155 12.982 1.00 0.53 ? 7  G   A "O3'"  1 
ATOM   198 C "C2'"  . G   A 1 7 ? -7.469  25.087 10.791 1.00 0.50 ? 7  G   A "C2'"  1 
ATOM   199 O "O2'"  . G   A 1 7 ? -6.742  26.229 10.320 1.00 0.57 ? 7  G   A "O2'"  1 
ATOM   200 C "C1'"  . G   A 1 7 ? -6.873  23.784 10.256 1.00 0.49 ? 7  G   A "C1'"  1 
ATOM   201 N N9     . G   A 1 7 ? -7.942  22.807 9.983  1.00 0.47 ? 7  G   A N9     1 
ATOM   202 C C8     . G   A 1 7 ? -8.400  21.776 10.735 1.00 0.50 ? 7  G   A C8     1 
ATOM   203 N N7     . G   A 1 7 ? -9.375  21.075 10.256 1.00 0.50 ? 7  G   A N7     1 
ATOM   204 C C5     . G   A 1 7 ? -9.605  21.712 9.032  1.00 0.46 ? 7  G   A C5     1 
ATOM   205 C C6     . G   A 1 7 ? -10.558 21.430 8.016  1.00 0.49 ? 7  G   A C6     1 
ATOM   206 O O6     . G   A 1 7 ? -11.401 20.537 7.980  1.00 0.55 ? 7  G   A O6     1 
ATOM   207 N N1     . G   A 1 7 ? -10.446 22.321 6.958  1.00 0.48 ? 7  G   A N1     1 
ATOM   208 C C2     . G   A 1 7 ? -9.538  23.354 6.881  1.00 0.47 ? 7  G   A C2     1 
ATOM   209 N N2     . G   A 1 7 ? -9.590  24.117 5.798  1.00 0.50 ? 7  G   A N2     1 
ATOM   210 N N3     . G   A 1 7 ? -8.643  23.621 7.824  1.00 0.45 ? 7  G   A N3     1 
ATOM   211 C C4     . G   A 1 7 ? -8.729  22.772 8.865  1.00 0.44 ? 7  G   A C4     1 
ATOM   212 H "H5'"  . G   A 1 7 ? -4.841  22.875 13.642 1.00 0.54 ? 7  G   A "H5'"  1 
ATOM   213 H "H5''" . G   A 1 7 ? -5.794  24.155 14.435 1.00 0.55 ? 7  G   A "H5''" 1 
ATOM   214 H "H4'"  . G   A 1 7 ? -5.162  24.890 12.235 1.00 0.53 ? 7  G   A "H4'"  1 
ATOM   215 H "H3'"  . G   A 1 7 ? -8.097  24.257 12.680 1.00 0.50 ? 7  G   A "H3'"  1 
ATOM   216 H "H2'"  . G   A 1 7 ? -8.529  25.156 10.529 1.00 0.55 ? 7  G   A "H2'"  1 
ATOM   217 H "HO2'" . G   A 1 7 ? -6.612  26.812 11.068 1.00 1.06 ? 7  G   A "HO2'" 1 
ATOM   218 H "H1'"  . G   A 1 7 ? -6.342  23.994 9.329  1.00 0.51 ? 7  G   A "H1'"  1 
ATOM   219 H H8     . G   A 1 7 ? -7.974  21.558 11.713 1.00 0.56 ? 7  G   A H8     1 
ATOM   220 H H1     . G   A 1 7 ? -11.098 22.187 6.196  1.00 0.53 ? 7  G   A H1     1 
ATOM   221 H H21    . G   A 1 7 ? -10.275 23.928 5.079  1.00 0.54 ? 7  G   A H21    1 
ATOM   222 H H22    . G   A 1 7 ? -8.952  24.892 5.699  1.00 0.52 ? 7  G   A H22    1 
ATOM   223 P P      . C   A 1 8 ? -8.617  26.796 13.572 1.00 0.58 ? 8  C   A P      1 
ATOM   224 O OP1    . C   A 1 8 ? -8.253  27.999 14.354 1.00 0.74 ? 8  C   A OP1    1 
ATOM   225 O OP2    . C   A 1 8 ? -9.406  25.716 14.206 1.00 0.67 ? 8  C   A OP2    1 
ATOM   226 O "O5'"  . C   A 1 8 ? -9.392  27.279 12.243 1.00 0.55 ? 8  C   A "O5'"  1 
ATOM   227 C "C5'"  . C   A 1 8 ? -8.920  28.408 11.489 1.00 0.59 ? 8  C   A "C5'"  1 
ATOM   228 C "C4'"  . C   A 1 8 ? -9.634  28.555 10.155 1.00 0.59 ? 8  C   A "C4'"  1 
ATOM   229 O "O4'"  . C   A 1 8 ? -9.519  27.365 9.384  1.00 0.54 ? 8  C   A "O4'"  1 
ATOM   230 C "C3'"  . C   A 1 8 ? -11.114 28.834 10.364 1.00 0.66 ? 8  C   A "C3'"  1 
ATOM   231 O "O3'"  . C   A 1 8 ? -11.379 30.234 10.513 1.00 0.84 ? 8  C   A "O3'"  1 
ATOM   232 C "C2'"  . C   A 1 8 ? -11.719 28.278 9.075  1.00 0.69 ? 8  C   A "C2'"  1 
ATOM   233 O "O2'"  . C   A 1 8 ? -11.736 29.259 8.031  1.00 0.86 ? 8  C   A "O2'"  1 
ATOM   234 C "C1'"  . C   A 1 8 ? -10.768 27.129 8.737  1.00 0.57 ? 8  C   A "C1'"  1 
ATOM   235 N N1     . C   A 1 8 ? -11.345 25.831 9.148  1.00 0.54 ? 8  C   A N1     1 
ATOM   236 C C2     . C   A 1 8 ? -12.065 25.120 8.195  1.00 0.61 ? 8  C   A C2     1 
ATOM   237 O O2     . C   A 1 8 ? -12.190 25.558 7.055  1.00 0.70 ? 8  C   A O2     1 
ATOM   238 N N3     . C   A 1 8 ? -12.627 23.938 8.562  1.00 0.67 ? 8  C   A N3     1 
ATOM   239 C C4     . C   A 1 8 ? -12.490 23.468 9.807  1.00 0.68 ? 8  C   A C4     1 
ATOM   240 N N4     . C   A 1 8 ? -13.057 22.310 10.128 1.00 0.82 ? 8  C   A N4     1 
ATOM   241 C C5     . C   A 1 8 ? -11.750 24.192 10.792 1.00 0.64 ? 8  C   A C5     1 
ATOM   242 C C6     . C   A 1 8 ? -11.196 25.362 10.422 1.00 0.55 ? 8  C   A C6     1 
ATOM   243 H "H5'"  . C   A 1 8 ? -7.840  28.288 11.322 1.00 0.65 ? 8  C   A "H5'"  1 
ATOM   244 H "H5''" . C   A 1 8 ? -9.102  29.319 12.045 1.00 0.67 ? 8  C   A "H5''" 1 
ATOM   245 H "H4'"  . C   A 1 8 ? -9.189  29.382 9.600  1.00 0.70 ? 8  C   A "H4'"  1 
ATOM   246 H "H3'"  . C   A 1 8 ? -11.484 28.267 11.223 1.00 0.65 ? 8  C   A "H3'"  1 
ATOM   247 H "HO3'" . C   A 1 8 ? -10.867 30.542 11.263 1.00 1.13 ? 8  C   A "HO3'" 1 
ATOM   248 H "H2'"  . C   A 1 8 ? -12.723 27.891 9.267  1.00 0.76 ? 8  C   A "H2'"  1 
ATOM   249 H "HO2'" . C   A 1 8 ? -12.261 29.999 8.346  1.00 1.18 ? 8  C   A "HO2'" 1 
ATOM   250 H "H1'"  . C   A 1 8 ? -10.604 27.116 7.661  1.00 0.63 ? 8  C   A "H1'"  1 
ATOM   251 H H41    . C   A 1 8 ? -13.580 21.795 9.434  1.00 0.89 ? 8  C   A H41    1 
ATOM   252 H H42    . C   A 1 8 ? -12.966 21.947 11.066 1.00 0.88 ? 8  C   A H42    1 
ATOM   253 H H5     . C   A 1 8 ? -11.640 23.810 11.808 1.00 0.72 ? 8  C   A H5     1 
ATOM   254 H H6     . C   A 1 8 ? -10.623 25.941 11.149 1.00 0.58 ? 8  C   A H6     1 
HETATM 255 O "O5'"  . 6HG B 2 1 ? -19.489 18.515 2.916  1.00 1.63 ? 9  6HG B "O5'"  1 
HETATM 256 C "C5'"  . 6HG B 2 1 ? -20.342 19.307 2.076  1.00 1.60 ? 9  6HG B "C5'"  1 
HETATM 257 C "C4'"  . 6HG B 2 1 ? -20.052 20.797 2.190  1.00 1.41 ? 9  6HG B "C4'"  1 
HETATM 258 O "O4'"  . 6HG B 2 1 ? -20.353 21.264 3.513  1.00 1.52 ? 9  6HG B "O4'"  1 
HETATM 259 C "C3'"  . 6HG B 2 1 ? -18.590 21.074 1.842  1.00 1.11 ? 9  6HG B "C3'"  1 
HETATM 260 O "O3'"  . 6HG B 2 1 ? -18.350 20.736 0.476  1.00 1.04 ? 9  6HG B "O3'"  1 
HETATM 261 C "C2'"  . 6HG B 2 1 ? -18.246 22.539 2.087  1.00 1.02 ? 9  6HG B "C2'"  1 
HETATM 262 C "C1'"  . 6HG B 2 1 ? -18.635 23.000 3.486  1.00 1.17 ? 9  6HG B "C1'"  1 
HETATM 263 C "C6'"  . 6HG B 2 1 ? -20.107 22.662 3.726  1.00 1.46 ? 9  6HG B "C6'"  1 
HETATM 264 N N9     . 6HG B 2 1 ? -17.785 22.358 4.513  1.00 1.09 ? 9  6HG B N9     1 
HETATM 265 C C8     . 6HG B 2 1 ? -17.911 21.144 5.107  1.00 1.19 ? 9  6HG B C8     1 
HETATM 266 N N7     . 6HG B 2 1 ? -17.047 20.827 6.012  1.00 1.16 ? 9  6HG B N7     1 
HETATM 267 C C5     . 6HG B 2 1 ? -16.230 21.961 6.038  1.00 0.98 ? 9  6HG B C5     1 
HETATM 268 C C6     . 6HG B 2 1 ? -15.081 22.241 6.833  1.00 0.89 ? 9  6HG B C6     1 
HETATM 269 O O6     . 6HG B 2 1 ? -14.552 21.538 7.690  1.00 0.95 ? 9  6HG B O6     1 
HETATM 270 N N1     . 6HG B 2 1 ? -14.559 23.492 6.546  1.00 0.77 ? 9  6HG B N1     1 
HETATM 271 C C2     . 6HG B 2 1 ? -15.066 24.370 5.613  1.00 0.78 ? 9  6HG B C2     1 
HETATM 272 N N2     . 6HG B 2 1 ? -14.421 25.523 5.482  1.00 0.78 ? 9  6HG B N2     1 
HETATM 273 N N3     . 6HG B 2 1 ? -16.142 24.119 4.862  1.00 0.87 ? 9  6HG B N3     1 
HETATM 274 C C4     . 6HG B 2 1 ? -16.673 22.904 5.122  1.00 0.95 ? 9  6HG B C4     1 
HETATM 275 H "H5'"  . 6HG B 2 1 ? -21.388 19.106 2.351  1.00 1.83 ? 9  6HG B "H5'"  1 
HETATM 276 H "H5''" . 6HG B 2 1 ? -20.181 19.036 1.043  1.00 1.56 ? 9  6HG B "H5''" 1 
HETATM 277 H "H4'"  . 6HG B 2 1 ? -20.684 21.326 1.475  1.00 1.47 ? 9  6HG B "H4'"  1 
HETATM 278 H "H3'"  . 6HG B 2 1 ? -17.955 20.455 2.480  1.00 1.11 ? 9  6HG B "H3'"  1 
HETATM 279 H "H2'"  . 6HG B 2 1 ? -17.166 22.672 1.960  1.00 0.86 ? 9  6HG B "H2'"  1 
HETATM 280 H "H2''" . 6HG B 2 1 ? -18.787 23.149 1.356  1.00 1.09 ? 9  6HG B "H2''" 1 
HETATM 281 H "H1'"  . 6HG B 2 1 ? -18.506 24.082 3.548  1.00 1.19 ? 9  6HG B "H1'"  1 
HETATM 282 H "H6'1" . 6HG B 2 1 ? -20.374 22.924 4.746  1.00 1.59 ? 9  6HG B "H6'1" 1 
HETATM 283 H "H6'2" . 6HG B 2 1 ? -20.725 23.247 3.047  1.00 1.55 ? 9  6HG B "H6'2" 1 
HETATM 284 H H8     . 6HG B 2 1 ? -18.716 20.461 4.831  1.00 1.34 ? 9  6HG B H8     1 
HETATM 285 H H1     . 6HG B 2 1 ? -13.739 23.757 7.071  1.00 0.74 ? 9  6HG B H1     1 
HETATM 286 H H21    . 6HG B 2 1 ? -14.746 26.207 4.815  1.00 0.86 ? 9  6HG B H21    1 
HETATM 287 H H22    . 6HG B 2 1 ? -13.601 25.712 6.044  1.00 0.76 ? 9  6HG B H22    1 
HETATM 288 H "HO5'" . 6HG B 2 1 ? -18.626 18.470 2.489  1.00 1.67 ? 9  6HG B "HO5'" 1 
HETATM 289 P P      . 6HC B 2 2 ? -17.106 19.800 0.069  1.00 0.94 ? 10 6HC B P      1 
HETATM 290 O OP1    . 6HC B 2 2 ? -17.282 19.387 -1.339 1.00 1.03 ? 10 6HC B OP1    1 
HETATM 291 O OP2    . 6HC B 2 2 ? -16.935 18.779 1.126  1.00 1.10 ? 10 6HC B OP2    1 
HETATM 292 O "O5'"  . 6HC B 2 2 ? -15.871 20.826 0.144  1.00 0.72 ? 10 6HC B "O5'"  1 
HETATM 293 C "C5'"  . 6HC B 2 2 ? -15.868 22.012 -0.667 1.00 0.60 ? 10 6HC B "C5'"  1 
HETATM 294 C "C4'"  . 6HC B 2 2 ? -15.114 23.154 -0.016 1.00 0.47 ? 10 6HC B "C4'"  1 
HETATM 295 O "O4'"  . 6HC B 2 2 ? -15.700 23.459 1.265  1.00 0.54 ? 10 6HC B "O4'"  1 
HETATM 296 C "C3'"  . 6HC B 2 2 ? -13.644 22.776 0.139  1.00 0.36 ? 10 6HC B "C3'"  1 
HETATM 297 O "O3'"  . 6HC B 2 2 ? -13.048 22.597 -1.146 1.00 0.35 ? 10 6HC B "O3'"  1 
HETATM 298 C "C2'"  . 6HC B 2 2 ? -12.903 23.853 0.916  1.00 0.34 ? 10 6HC B "C2'"  1 
HETATM 299 C "C1'"  . 6HC B 2 2 ? -13.564 24.135 2.257  1.00 0.41 ? 10 6HC B "C1'"  1 
HETATM 300 C "C6'"  . 6HC B 2 2 ? -15.034 24.486 2.016  1.00 0.51 ? 10 6HC B "C6'"  1 
HETATM 301 N N1     . 6HC B 2 2 ? -13.430 22.964 3.157  1.00 0.44 ? 10 6HC B N1     1 
HETATM 302 C C2     . 6HC B 2 2 ? -12.474 23.039 4.155  1.00 0.45 ? 10 6HC B C2     1 
HETATM 303 O O2     . 6HC B 2 2 ? -11.780 24.044 4.268  1.00 0.46 ? 10 6HC B O2     1 
HETATM 304 N N3     . 6HC B 2 2 ? -12.336 21.982 5.000  1.00 0.53 ? 10 6HC B N3     1 
HETATM 305 C C4     . 6HC B 2 2 ? -13.102 20.894 4.873  1.00 0.62 ? 10 6HC B C4     1 
HETATM 306 N N4     . 6HC B 2 2 ? -12.931 19.881 5.718  1.00 0.75 ? 10 6HC B N4     1 
HETATM 307 C C5     . 6HC B 2 2 ? -14.091 20.805 3.844  1.00 0.64 ? 10 6HC B C5     1 
HETATM 308 C C6     . 6HC B 2 2 ? -14.222 21.857 3.014  1.00 0.56 ? 10 6HC B C6     1 
HETATM 309 H "H5'"  . 6HC B 2 2 ? -16.910 22.310 -0.856 1.00 0.74 ? 10 6HC B "H5'"  1 
HETATM 310 H "H5''" . 6HC B 2 2 ? -15.372 21.804 -1.606 1.00 0.61 ? 10 6HC B "H5''" 1 
HETATM 311 H "H4'"  . 6HC B 2 2 ? -15.185 24.032 -0.657 1.00 0.51 ? 10 6HC B "H4'"  1 
HETATM 312 H "H3'"  . 6HC B 2 2 ? -13.580 21.837 0.690  1.00 0.44 ? 10 6HC B "H3'"  1 
HETATM 313 H "H2'"  . 6HC B 2 2 ? -11.876 23.516 1.092  1.00 0.36 ? 10 6HC B "H2'"  1 
HETATM 314 H "H2''" . 6HC B 2 2 ? -12.901 24.773 0.324  1.00 0.37 ? 10 6HC B "H2''" 1 
HETATM 315 H "H1'"  . 6HC B 2 2 ? -13.071 24.992 2.718  1.00 0.43 ? 10 6HC B "H1'"  1 
HETATM 316 H "H6'1" . 6HC B 2 2 ? -15.534 24.611 2.974  1.00 0.59 ? 10 6HC B "H6'1" 1 
HETATM 317 H "H6'2" . 6HC B 2 2 ? -15.094 25.427 1.473  1.00 0.55 ? 10 6HC B "H6'2" 1 
HETATM 318 H H41    . 6HC B 2 2 ? -13.500 19.052 5.634  1.00 0.86 ? 10 6HC B H41    1 
HETATM 319 H H42    . 6HC B 2 2 ? -12.238 19.947 6.452  1.00 0.76 ? 10 6HC B H42    1 
HETATM 320 H H5     . 6HC B 2 2 ? -14.719 19.922 3.737  1.00 0.77 ? 10 6HC B H5     1 
HETATM 321 H H6     . 6HC B 2 2 ? -14.969 21.825 2.220  1.00 0.61 ? 10 6HC B H6     1 
HETATM 322 P P      . 6HG B 2 3 ? -11.838 21.559 -1.339 1.00 0.42 ? 11 6HG B P      1 
HETATM 323 O OP1    . 6HG B 2 3 ? -11.519 21.498 -2.781 1.00 0.51 ? 11 6HG B OP1    1 
HETATM 324 O OP2    . 6HG B 2 3 ? -12.167 20.324 -0.591 1.00 0.56 ? 11 6HG B OP2    1 
HETATM 325 O "O5'"  . 6HG B 2 3 ? -10.628 22.306 -0.587 1.00 0.41 ? 11 6HG B "O5'"  1 
HETATM 326 C "C5'"  . 6HG B 2 3 ? -10.138 23.569 -1.072 1.00 0.42 ? 11 6HG B "C5'"  1 
HETATM 327 C "C4'"  . 6HG B 2 3 ? -9.247  24.263 -0.059 1.00 0.38 ? 11 6HG B "C4'"  1 
HETATM 328 O "O4'"  . 6HG B 2 3 ? -9.999  24.529 1.141  1.00 0.42 ? 11 6HG B "O4'"  1 
HETATM 329 C "C3'"  . 6HG B 2 3 ? -8.026  23.387 0.232  1.00 0.34 ? 11 6HG B "C3'"  1 
HETATM 330 O "O3'"  . 6HG B 2 3 ? -7.198  23.310 -0.932 1.00 0.36 ? 11 6HG B "O3'"  1 
HETATM 331 C "C2'"  . 6HG B 2 3 ? -7.229  23.942 1.403  1.00 0.35 ? 11 6HG B "C2'"  1 
HETATM 332 C "C1'"  . 6HG B 2 3 ? -8.102  24.177 2.626  1.00 0.37 ? 11 6HG B "C1'"  1 
HETATM 333 C "C6'"  . 6HG B 2 3 ? -9.251  25.095 2.227  1.00 0.43 ? 11 6HG B "C6'"  1 
HETATM 334 N N9     . 6HG B 2 3 ? -8.622  22.894 3.146  1.00 0.37 ? 11 6HG B N9     1 
HETATM 335 C C8     . 6HG B 2 3 ? -9.648  22.128 2.694  1.00 0.41 ? 11 6HG B C8     1 
HETATM 336 N N7     . 6HG B 2 3 ? -9.898  21.030 3.322  1.00 0.42 ? 11 6HG B N7     1 
HETATM 337 C C5     . 6HG B 2 3 ? -8.925  21.049 4.325  1.00 0.37 ? 11 6HG B C5     1 
HETATM 338 C C6     . 6HG B 2 3 ? -8.669  20.111 5.356  1.00 0.39 ? 11 6HG B C6     1 
HETATM 339 O O6     . 6HG B 2 3 ? -9.254  19.057 5.592  1.00 0.44 ? 11 6HG B O6     1 
HETATM 340 N N1     . 6HG B 2 3 ? -7.606  20.506 6.150  1.00 0.38 ? 11 6HG B N1     1 
HETATM 341 C C2     . 6HG B 2 3 ? -6.877  21.660 5.985  1.00 0.37 ? 11 6HG B C2     1 
HETATM 342 N N2     . 6HG B 2 3 ? -5.906  21.869 6.865  1.00 0.43 ? 11 6HG B N2     1 
HETATM 343 N N3     . 6HG B 2 3 ? -7.105  22.553 5.019  1.00 0.36 ? 11 6HG B N3     1 
HETATM 344 C C4     . 6HG B 2 3 ? -8.140  22.187 4.226  1.00 0.35 ? 11 6HG B C4     1 
HETATM 345 H "H5'"  . 6HG B 2 3 ? -10.999 24.208 -1.318 1.00 0.50 ? 11 6HG B "H5'"  1 
HETATM 346 H "H5''" . 6HG B 2 3 ? -9.540  23.407 -1.957 1.00 0.46 ? 11 6HG B "H5''" 1 
HETATM 347 H "H4'"  . 6HG B 2 3 ? -8.906  25.209 -0.481 1.00 0.40 ? 11 6HG B "H4'"  1 
HETATM 348 H "H3'"  . 6HG B 2 3 ? -8.369  22.383 0.485  1.00 0.35 ? 11 6HG B "H3'"  1 
HETATM 349 H "H2'"  . 6HG B 2 3 ? -6.441  23.227 1.665  1.00 0.35 ? 11 6HG B "H2'"  1 
HETATM 350 H "H2''" . 6HG B 2 3 ? -6.784  24.896 1.101  1.00 0.38 ? 11 6HG B "H2''" 1 
HETATM 351 H "H1'"  . 6HG B 2 3 ? -7.510  24.662 3.402  1.00 0.40 ? 11 6HG B "H1'"  1 
HETATM 352 H "H6'1" . 6HG B 2 3 ? -9.909  25.241 3.080  1.00 0.48 ? 11 6HG B "H6'1" 1 
HETATM 353 H "H6'2" . 6HG B 2 3 ? -8.853  26.062 1.928  1.00 0.46 ? 11 6HG B "H6'2" 1 
HETATM 354 H H8     . 6HG B 2 3 ? -10.248 22.435 1.838  1.00 0.45 ? 11 6HG B H8     1 
HETATM 355 H H1     . 6HG B 2 3 ? -7.364  19.882 6.906  1.00 0.42 ? 11 6HG B H1     1 
HETATM 356 H H21    . 6HG B 2 3 ? -5.732  21.193 7.596  1.00 0.46 ? 11 6HG B H21    1 
HETATM 357 H H22    . 6HG B 2 3 ? -5.346  22.706 6.808  1.00 0.47 ? 11 6HG B H22    1 
HETATM 358 P P      . 6HT B 2 4 ? -6.466  21.936 -1.333 1.00 0.37 ? 12 6HT B P      1 
HETATM 359 O OP1    . 6HT B 2 4 ? -5.752  22.147 -2.611 1.00 0.48 ? 12 6HT B OP1    1 
HETATM 360 O OP2    . 6HT B 2 4 ? -7.442  20.832 -1.204 1.00 0.45 ? 12 6HT B OP2    1 
HETATM 361 O "O5'"  . 6HT B 2 4 ? -5.370  21.785 -0.164 1.00 0.34 ? 12 6HT B "O5'"  1 
HETATM 362 C "C5'"  . 6HT B 2 4 ? -4.385  22.813 0.051  1.00 0.32 ? 12 6HT B "C5'"  1 
HETATM 363 C "C4'"  . 6HT B 2 4 ? -3.801  22.760 1.451  1.00 0.30 ? 12 6HT B "C4'"  1 
HETATM 364 O "O4'"  . 6HT B 2 4 ? -4.859  22.947 2.414  1.00 0.30 ? 12 6HT B "O4'"  1 
HETATM 365 C "C3'"  . 6HT B 2 4 ? -3.087  21.419 1.657  1.00 0.28 ? 12 6HT B "C3'"  1 
HETATM 366 O "O3'"  . 6HT B 2 4 ? -1.922  21.356 0.834  1.00 0.30 ? 12 6HT B "O3'"  1 
HETATM 367 C "C2'"  . 6HT B 2 4 ? -2.703  21.235 3.118  1.00 0.29 ? 12 6HT B "C2'"  1 
HETATM 368 C "C1'"  . 6HT B 2 4 ? -3.898  21.402 4.040  1.00 0.28 ? 12 6HT B "C1'"  1 
HETATM 369 C "C6'"  . 6HT B 2 4 ? -4.488  22.788 3.793  1.00 0.31 ? 12 6HT B "C6'"  1 
HETATM 370 N N1     . 6HT B 2 4 ? -4.911  20.340 3.793  1.00 0.25 ? 12 6HT B N1     1 
HETATM 371 C C2     . 6HT B 2 4 ? -4.984  19.300 4.703  1.00 0.27 ? 12 6HT B C2     1 
HETATM 372 O O2     . 6HT B 2 4 ? -4.264  19.244 5.698  1.00 0.32 ? 12 6HT B O2     1 
HETATM 373 N N3     . 6HT B 2 4 ? -5.919  18.321 4.431  1.00 0.30 ? 12 6HT B N3     1 
HETATM 374 C C4     . 6HT B 2 4 ? -6.777  18.284 3.351  1.00 0.31 ? 12 6HT B C4     1 
HETATM 375 O O4     . 6HT B 2 4 ? -7.566  17.352 3.208  1.00 0.38 ? 12 6HT B O4     1 
HETATM 376 C C5     . 6HT B 2 4 ? -6.638  19.406 2.455  1.00 0.29 ? 12 6HT B C5     1 
HETATM 377 C C5M    . 6HT B 2 4 ? -7.525  19.490 1.217  1.00 0.38 ? 12 6HT B C5M    1 
HETATM 378 C C6     . 6HT B 2 4 ? -5.734  20.378 2.693  1.00 0.27 ? 12 6HT B C6     1 
HETATM 379 H "H5'"  . 6HT B 2 4 ? -4.857  23.790 -0.123 1.00 0.35 ? 12 6HT B "H5'"  1 
HETATM 380 H "H5''" . 6HT B 2 4 ? -3.564  22.676 -0.638 1.00 0.36 ? 12 6HT B "H5''" 1 
HETATM 381 H "H4'"  . 6HT B 2 4 ? -3.075  23.563 1.560  1.00 0.34 ? 12 6HT B "H4'"  1 
HETATM 382 H "H3'"  . 6HT B 2 4 ? -3.766  20.616 1.369  1.00 0.28 ? 12 6HT B "H3'"  1 
HETATM 383 H "H2'"  . 6HT B 2 4 ? -2.292  20.230 3.251  1.00 0.31 ? 12 6HT B "H2'"  1 
HETATM 384 H "H2''" . 6HT B 2 4 ? -1.951  21.986 3.377  1.00 0.35 ? 12 6HT B "H2''" 1 
HETATM 385 H "H1'"  . 6HT B 2 4 ? -3.559  21.338 5.075  1.00 0.32 ? 12 6HT B "H1'"  1 
HETATM 386 H "H6'1" . 6HT B 2 4 ? -5.368  22.926 4.419  1.00 0.34 ? 12 6HT B "H6'1" 1 
HETATM 387 H "H6'2" . 6HT B 2 4 ? -3.754  23.545 4.060  1.00 0.36 ? 12 6HT B "H6'2" 1 
HETATM 388 H H3     . 6HT B 2 4 ? -5.985  17.559 5.089  1.00 0.36 ? 12 6HT B H3     1 
HETATM 389 H H71    . 6HT B 2 4 ? -8.118  20.402 1.255  1.00 0.73 ? 12 6HT B H71    1 
HETATM 390 H H72    . 6HT B 2 4 ? -8.189  18.627 1.186  1.00 0.71 ? 12 6HT B H72    1 
HETATM 391 H H73    . 6HT B 2 4 ? -6.902  19.501 0.323  1.00 0.65 ? 12 6HT B H73    1 
HETATM 392 H H6     . 6HT B 2 4 ? -5.661  21.215 1.999  1.00 0.31 ? 12 6HT B H6     1 
HETATM 393 P P      . 6HA B 2 5 ? -1.457  19.960 0.188  1.00 0.32 ? 13 6HA B P      1 
HETATM 394 O OP1    . 6HA B 2 5 ? -0.260  20.212 -0.645 1.00 0.44 ? 13 6HA B OP1    1 
HETATM 395 O OP2    . 6HA B 2 5 ? -2.644  19.305 -0.402 1.00 0.39 ? 13 6HA B OP2    1 
HETATM 396 O "O5'"  . 6HA B 2 5 ? -1.007  19.117 1.483  1.00 0.33 ? 13 6HA B "O5'"  1 
HETATM 397 C "C5'"  . 6HA B 2 5 ? 0.147   19.495 2.257  1.00 0.32 ? 13 6HA B "C5'"  1 
HETATM 398 C "C4'"  . 6HA B 2 5 ? 0.156   18.811 3.610  1.00 0.31 ? 13 6HA B "C4'"  1 
HETATM 399 O "O4'"  . 6HA B 2 5 ? -0.989  19.256 4.373  1.00 0.34 ? 13 6HA B "O4'"  1 
HETATM 400 C "C3'"  . 6HA B 2 5 ? 0.138   17.294 3.404  1.00 0.28 ? 13 6HA B "C3'"  1 
HETATM 401 O "O3'"  . 6HA B 2 5 ? 1.364   16.855 2.828  1.00 0.30 ? 13 6HA B "O3'"  1 
HETATM 402 C "C2'"  . 6HA B 2 5 ? -0.109  16.576 4.718  1.00 0.30 ? 13 6HA B "C2'"  1 
HETATM 403 C "C1'"  . 6HA B 2 5 ? -1.390  17.061 5.357  1.00 0.32 ? 13 6HA B "C1'"  1 
HETATM 404 C "C6'"  . 6HA B 2 5 ? -1.245  18.558 5.605  1.00 0.36 ? 13 6HA B "C6'"  1 
HETATM 405 N N9     . 6HA B 2 5 ? -2.536  16.789 4.460  1.00 0.27 ? 13 6HA B N9     1 
HETATM 406 C C8     . 6HA B 2 5 ? -2.919  17.431 3.325  1.00 0.27 ? 13 6HA B C8     1 
HETATM 407 N N7     . 6HA B 2 5 ? -3.947  16.975 2.698  1.00 0.27 ? 13 6HA B N7     1 
HETATM 408 C C5     . 6HA B 2 5 ? -4.307  15.894 3.501  1.00 0.25 ? 13 6HA B C5     1 
HETATM 409 C C6     . 6HA B 2 5 ? -5.333  14.955 3.410  1.00 0.28 ? 13 6HA B C6     1 
HETATM 410 N N6     . 6HA B 2 5 ? -6.227  14.946 2.422  1.00 0.32 ? 13 6HA B N6     1 
HETATM 411 N N1     . 6HA B 2 5 ? -5.404  14.022 4.371  1.00 0.31 ? 13 6HA B N1     1 
HETATM 412 C C2     . 6HA B 2 5 ? -4.516  14.006 5.368  1.00 0.32 ? 13 6HA B C2     1 
HETATM 413 N N3     . 6HA B 2 5 ? -3.504  14.847 5.554  1.00 0.31 ? 13 6HA B N3     1 
HETATM 414 C C4     . 6HA B 2 5 ? -3.455  15.774 4.578  1.00 0.26 ? 13 6HA B C4     1 
HETATM 415 H "H5'"  . 6HA B 2 5 ? 0.143   20.589 2.384  1.00 0.39 ? 13 6HA B "H5'"  1 
HETATM 416 H "H5''" . 6HA B 2 5 ? 1.046   19.188 1.741  1.00 0.35 ? 13 6HA B "H5''" 1 
HETATM 417 H "H4'"  . 6HA B 2 5 ? 1.070   19.085 4.140  1.00 0.35 ? 13 6HA B "H4'"  1 
HETATM 418 H "H3'"  . 6HA B 2 5 ? -0.673  17.050 2.718  1.00 0.26 ? 13 6HA B "H3'"  1 
HETATM 419 H "H2'"  . 6HA B 2 5 ? -0.190  15.503 4.525  1.00 0.31 ? 13 6HA B "H2'"  1 
HETATM 420 H "H2''" . 6HA B 2 5 ? 0.728   16.779 5.395  1.00 0.36 ? 13 6HA B "H2''" 1 
HETATM 421 H "H1'"  . 6HA B 2 5 ? -1.541  16.547 6.306  1.00 0.36 ? 13 6HA B "H1'"  1 
HETATM 422 H "H6'1" . 6HA B 2 5 ? -2.159  18.939 6.051  1.00 0.40 ? 13 6HA B "H6'1" 1 
HETATM 423 H "H6'2" . 6HA B 2 5 ? -0.424  18.731 6.296  1.00 0.41 ? 13 6HA B "H6'2" 1 
HETATM 424 H H8     . 6HA B 2 5 ? -2.368  18.291 2.951  1.00 0.31 ? 13 6HA B H8     1 
HETATM 425 H H61    . 6HA B 2 5 ? -6.178  15.643 1.693  1.00 0.35 ? 13 6HA B H61    1 
HETATM 426 H H62    . 6HA B 2 5 ? -6.957  14.246 2.405  1.00 0.36 ? 13 6HA B H62    1 
HETATM 427 H H2     . 6HA B 2 5 ? -4.636  13.219 6.113  1.00 0.39 ? 13 6HA B H2     1 
HETATM 428 P P      . 6HG B 2 6 ? 1.350   15.638 1.778  1.00 0.35 ? 14 6HG B P      1 
HETATM 429 O OP1    . 6HG B 2 6 ? 2.693   15.535 1.173  1.00 0.47 ? 14 6HG B OP1    1 
HETATM 430 O OP2    . 6HG B 2 6 ? 0.154   15.791 0.920  1.00 0.41 ? 14 6HG B OP2    1 
HETATM 431 O "O5'"  . 6HG B 2 6 ? 1.120   14.364 2.730  1.00 0.41 ? 14 6HG B "O5'"  1 
HETATM 432 C "C5'"  . 6HG B 2 6 ? 2.016   14.076 3.817  1.00 0.41 ? 14 6HG B "C5'"  1 
HETATM 433 C "C4'"  . 6HG B 2 6 ? 1.412   13.080 4.785  1.00 0.40 ? 14 6HG B "C4'"  1 
HETATM 434 O "O4'"  . 6HG B 2 6 ? 0.267   13.686 5.430  1.00 0.45 ? 14 6HG B "O4'"  1 
HETATM 435 C "C3'"  . 6HG B 2 6 ? 1.032   11.810 4.013  1.00 0.36 ? 14 6HG B "C3'"  1 
HETATM 436 O "O3'"  . 6HG B 2 6 ? 2.210   11.104 3.620  1.00 0.38 ? 14 6HG B "O3'"  1 
HETATM 437 C "C2'"  . 6HG B 2 6 ? 0.141   10.906 4.850  1.00 0.39 ? 14 6HG B "C2'"  1 
HETATM 438 C "C1'"  . 6HG B 2 6 ? -1.062  11.658 5.374  1.00 0.41 ? 14 6HG B "C1'"  1 
HETATM 439 C "C6'"  . 6HG B 2 6 ? -0.551  12.811 6.221  1.00 0.48 ? 14 6HG B "C6'"  1 
HETATM 440 N N9     . 6HG B 2 6 ? -1.878  12.162 4.252  1.00 0.36 ? 14 6HG B N9     1 
HETATM 441 C C8     . 6HG B 2 6 ? -1.671  13.232 3.440  1.00 0.37 ? 14 6HG B C8     1 
HETATM 442 N N7     . 6HG B 2 6 ? -2.527  13.450 2.504  1.00 0.38 ? 14 6HG B N7     1 
HETATM 443 C C5     . 6HG B 2 6 ? -3.428  12.402 2.697  1.00 0.34 ? 14 6HG B C5     1 
HETATM 444 C C6     . 6HG B 2 6 ? -4.605  12.075 1.981  1.00 0.35 ? 14 6HG B C6     1 
HETATM 445 O O6     . 6HG B 2 6 ? -5.098  12.652 1.018  1.00 0.40 ? 14 6HG B O6     1 
HETATM 446 N N1     . 6HG B 2 6 ? -5.213  10.947 2.500  1.00 0.35 ? 14 6HG B N1     1 
HETATM 447 C C2     . 6HG B 2 6 ? -4.756  10.217 3.572  1.00 0.36 ? 14 6HG B C2     1 
HETATM 448 N N2     . 6HG B 2 6 ? -5.484  9.164  3.918  1.00 0.42 ? 14 6HG B N2     1 
HETATM 449 N N3     . 6HG B 2 6 ? -3.652  10.510 4.254  1.00 0.35 ? 14 6HG B N3     1 
HETATM 450 C C4     . 6HG B 2 6 ? -3.037  11.610 3.767  1.00 0.33 ? 14 6HG B C4     1 
HETATM 451 H "H5'"  . 6HG B 2 6 ? 2.254   15.015 4.337  1.00 0.48 ? 14 6HG B "H5'"  1 
HETATM 452 H "H5''" . 6HG B 2 6 ? 2.924   13.630 3.429  1.00 0.43 ? 14 6HG B "H5''" 1 
HETATM 453 H "H4'"  . 6HG B 2 6 ? 2.158   12.823 5.540  1.00 0.45 ? 14 6HG B "H4'"  1 
HETATM 454 H "H3'"  . 6HG B 2 6 ? 0.484   12.101 3.116  1.00 0.35 ? 14 6HG B "H3'"  1 
HETATM 455 H "H2'"  . 6HG B 2 6 ? -0.205  10.075 4.226  1.00 0.40 ? 14 6HG B "H2'"  1 
HETATM 456 H "H2''" . 6HG B 2 6 ? 0.721   10.527 5.697  1.00 0.45 ? 14 6HG B "H2''" 1 
HETATM 457 H "H1'"  . 6HG B 2 6 ? -1.667  10.993 5.992  1.00 0.46 ? 14 6HG B "H1'"  1 
HETATM 458 H "H6'1" . 6HG B 2 6 ? -1.395  13.369 6.620  1.00 0.54 ? 14 6HG B "H6'1" 1 
HETATM 459 H "H6'2" . 6HG B 2 6 ? 0.031   12.421 7.052  1.00 0.53 ? 14 6HG B "H6'2" 1 
HETATM 460 H H8     . 6HG B 2 6 ? -0.807  13.881 3.572  1.00 0.41 ? 14 6HG B H8     1 
HETATM 461 H H1     . 6HG B 2 6 ? -6.059  10.655 2.037  1.00 0.38 ? 14 6HG B H1     1 
HETATM 462 H H21    . 6HG B 2 6 ? -6.323  8.936  3.403  1.00 0.45 ? 14 6HG B H21    1 
HETATM 463 H H22    . 6HG B 2 6 ? -5.200  8.592  4.700  1.00 0.45 ? 14 6HG B H22    1 
HETATM 464 P P      . 6HC B 2 7 ? 2.269   10.333 2.206  1.00 0.40 ? 15 6HC B P      1 
HETATM 465 O OP1    . 6HC B 2 7 ? 3.622   9.754  2.053  1.00 0.54 ? 15 6HC B OP1    1 
HETATM 466 O OP2    . 6HC B 2 7 ? 1.725   11.231 1.164  1.00 0.48 ? 15 6HC B OP2    1 
HETATM 467 O "O5'"  . 6HC B 2 7 ? 1.228   9.129  2.426  1.00 0.37 ? 15 6HC B "O5'"  1 
HETATM 468 C "C5'"  . 6HC B 2 7 ? 1.409   8.178  3.488  1.00 0.41 ? 15 6HC B "C5'"  1 
HETATM 469 C "C4'"  . 6HC B 2 7 ? 0.125   7.435  3.791  1.00 0.39 ? 15 6HC B "C4'"  1 
HETATM 470 O "O4'"  . 6HC B 2 7 ? -0.883  8.386  4.189  1.00 0.39 ? 15 6HC B "O4'"  1 
HETATM 471 C "C3'"  . 6HC B 2 7 ? -0.301  6.646  2.547  1.00 0.35 ? 15 6HC B "C3'"  1 
HETATM 472 O "O3'"  . 6HC B 2 7 ? 0.608   5.571  2.319  1.00 0.43 ? 15 6HC B "O3'"  1 
HETATM 473 C "C2'"  . 6HC B 2 7 ? -1.714  6.105  2.701  1.00 0.35 ? 15 6HC B "C2'"  1 
HETATM 474 C "C1'"  . 6HC B 2 7 ? -2.700  7.195  3.082  1.00 0.35 ? 15 6HC B "C1'"  1 
HETATM 475 C "C6'"  . 6HC B 2 7 ? -2.207  7.862  4.361  1.00 0.40 ? 15 6HC B "C6'"  1 
HETATM 476 N N1     . 6HC B 2 7 ? -2.837  8.180  1.980  1.00 0.33 ? 15 6HC B N1     1 
HETATM 477 C C2     . 6HC B 2 7 ? -3.968  8.094  1.183  1.00 0.37 ? 15 6HC B C2     1 
HETATM 478 O O2     . 6HC B 2 7 ? -4.811  7.226  1.396  1.00 0.43 ? 15 6HC B O2     1 
HETATM 479 N N3     . 6HC B 2 7 ? -4.115  8.994  0.174  1.00 0.40 ? 15 6HC B N3     1 
HETATM 480 C C4     . 6HC B 2 7 ? -3.193  9.935  -0.051 1.00 0.40 ? 15 6HC B C4     1 
HETATM 481 N N4     . 6HC B 2 7 ? -3.370  10.790 -1.053 1.00 0.48 ? 15 6HC B N4     1 
HETATM 482 C C5     . 6HC B 2 7 ? -2.027  10.034 0.765  1.00 0.37 ? 15 6HC B C5     1 
HETATM 483 C C6     . 6HC B 2 7 ? -1.887  9.142  1.762  1.00 0.33 ? 15 6HC B C6     1 
HETATM 484 H "H5'"  . 6HC B 2 7 ? 1.758   8.712  4.385  1.00 0.48 ? 15 6HC B "H5'"  1 
HETATM 485 H "H5''" . 6HC B 2 7 ? 2.141   7.437  3.193  1.00 0.47 ? 15 6HC B "H5''" 1 
HETATM 486 H "H4'"  . 6HC B 2 7 ? 0.305   6.736  4.608  1.00 0.46 ? 15 6HC B "H4'"  1 
HETATM 487 H "H3'"  . 6HC B 2 7 ? -0.275  7.314  1.686  1.00 0.33 ? 15 6HC B "H3'"  1 
HETATM 488 H "H2'"  . 6HC B 2 7 ? -2.025  5.663  1.748  1.00 0.36 ? 15 6HC B "H2'"  1 
HETATM 489 H "H2''" . 6HC B 2 7 ? -1.711  5.340  3.486  1.00 0.41 ? 15 6HC B "H2''" 1 
HETATM 490 H "H1'"  . 6HC B 2 7 ? -3.674  6.740  3.272  1.00 0.41 ? 15 6HC B "H1'"  1 
HETATM 491 H "H6'1" . 6HC B 2 7 ? -2.881  8.674  4.625  1.00 0.44 ? 15 6HC B "H6'1" 1 
HETATM 492 H "H6'2" . 6HC B 2 7 ? -2.207  7.137  5.170  1.00 0.46 ? 15 6HC B "H6'2" 1 
HETATM 493 H H41    . 6HC B 2 7 ? -2.679  11.502 -1.239 1.00 0.53 ? 15 6HC B H41    1 
HETATM 494 H H42    . 6HC B 2 7 ? -4.199  10.725 -1.630 1.00 0.53 ? 15 6HC B H42    1 
HETATM 495 H H5     . 6HC B 2 7 ? -1.275  10.802 0.585  1.00 0.44 ? 15 6HC B H5     1 
HETATM 496 H H6     . 6HC B 2 7 ? -1.011  9.193  2.405  1.00 0.36 ? 15 6HC B H6     1 
HETATM 497 P P      . 6HG B 2 8 ? 0.949   5.106  0.820  1.00 0.50 ? 16 6HG B P      1 
HETATM 498 O OP1    . 6HG B 2 8 ? 1.914   3.990  0.892  1.00 0.65 ? 16 6HG B OP1    1 
HETATM 499 O OP2    . 6HG B 2 8 ? 1.271   6.313  0.026  1.00 0.58 ? 16 6HG B OP2    1 
HETATM 500 O "O5'"  . 6HG B 2 8 ? -0.459  4.523  0.307  1.00 0.47 ? 16 6HG B "O5'"  1 
HETATM 501 C "C5'"  . 6HG B 2 8 ? -1.057  3.363  0.916  1.00 0.47 ? 16 6HG B "C5'"  1 
HETATM 502 C "C4'"  . 6HG B 2 8 ? -2.509  3.204  0.500  1.00 0.45 ? 16 6HG B "C4'"  1 
HETATM 503 O "O4'"  . 6HG B 2 8 ? -3.261  4.326  1.004  1.00 0.43 ? 16 6HG B "O4'"  1 
HETATM 504 C "C3'"  . 6HG B 2 8 ? -2.609  3.116  -1.037 1.00 0.48 ? 16 6HG B "C3'"  1 
HETATM 505 O "O3'"  . 6HG B 2 8 ? -2.039  1.899  -1.527 1.00 0.59 ? 16 6HG B "O3'"  1 
HETATM 506 C "C2'"  . 6HG B 2 8 ? -4.055  3.204  -1.488 1.00 0.50 ? 16 6HG B "C2'"  1 
HETATM 507 C "C1'"  . 6HG B 2 8 ? -4.738  4.440  -0.941 1.00 0.44 ? 16 6HG B "C1'"  1 
HETATM 508 C "C6'"  . 6HG B 2 8 ? -4.630  4.407  0.582  1.00 0.45 ? 16 6HG B "C6'"  1 
HETATM 509 N N9     . 6HG B 2 8 ? -4.117  5.667  -1.484 1.00 0.39 ? 16 6HG B N9     1 
HETATM 510 C C8     . 6HG B 2 8 ? -2.917  6.235  -1.197 1.00 0.39 ? 16 6HG B C8     1 
HETATM 511 N N7     . 6HG B 2 8 ? -2.618  7.340  -1.795 1.00 0.41 ? 16 6HG B N7     1 
HETATM 512 C C5     . 6HG B 2 8 ? -3.751  7.552  -2.586 1.00 0.40 ? 16 6HG B C5     1 
HETATM 513 C C6     . 6HG B 2 8 ? -4.048  8.611  -3.487 1.00 0.45 ? 16 6HG B C6     1 
HETATM 514 O O6     . 6HG B 2 8 ? -3.367  9.593  -3.769 1.00 0.51 ? 16 6HG B O6     1 
HETATM 515 N N1     . 6HG B 2 8 ? -5.290  8.442  -4.076 1.00 0.49 ? 16 6HG B N1     1 
HETATM 516 C C2     . 6HG B 2 8 ? -6.145  7.392  -3.840 1.00 0.51 ? 16 6HG B C2     1 
HETATM 517 N N2     . 6HG B 2 8 ? -7.293  7.405  -4.509 1.00 0.63 ? 16 6HG B N2     1 
HETATM 518 N N3     . 6HG B 2 8 ? -5.882  6.391  -2.994 1.00 0.47 ? 16 6HG B N3     1 
HETATM 519 C C4     . 6HG B 2 8 ? -4.672  6.532  -2.403 1.00 0.40 ? 16 6HG B C4     1 
HETATM 520 H "H5'"  . 6HG B 2 8 ? -0.985  3.462  2.012  1.00 0.52 ? 16 6HG B "H5'"  1 
HETATM 521 H "H5''" . 6HG B 2 8 ? -0.535  2.473  0.596  1.00 0.54 ? 16 6HG B "H5''" 1 
HETATM 522 H "H4'"  . 6HG B 2 8 ? -2.904  2.285  0.936  1.00 0.50 ? 16 6HG B "H4'"  1 
HETATM 523 H "H3'"  . 6HG B 2 8 ? -2.061  3.955  -1.464 1.00 0.48 ? 16 6HG B "H3'"  1 
HETATM 524 H "H2'"  . 6HG B 2 8 ? -4.080  3.235  -2.582 1.00 0.56 ? 16 6HG B "H2'"  1 
HETATM 525 H "H2''" . 6HG B 2 8 ? -4.588  2.314  -1.123 1.00 0.56 ? 16 6HG B "H2''" 1 
HETATM 526 H "H1'"  . 6HG B 2 8 ? -5.791  4.417  -1.223 1.00 0.49 ? 16 6HG B "H1'"  1 
HETATM 527 H "H6'1" . 6HG B 2 8 ? -5.074  5.309  0.993  1.00 0.47 ? 16 6HG B "H6'1" 1 
HETATM 528 H "H6'2" . 6HG B 2 8 ? -5.178  3.550  0.963  1.00 0.52 ? 16 6HG B "H6'2" 1 
HETATM 529 H H8     . 6HG B 2 8 ? -2.230  5.776  -0.487 1.00 0.42 ? 16 6HG B H8     1 
HETATM 530 H H1     . 6HG B 2 8 ? -5.571  9.163  -4.725 1.00 0.56 ? 16 6HG B H1     1 
HETATM 531 H H21    . 6HG B 2 8 ? -7.497  8.162  -5.149 1.00 0.68 ? 16 6HG B H21    1 
HETATM 532 H H22    . 6HG B 2 8 ? -7.962  6.660  -4.381 1.00 0.71 ? 16 6HG B H22    1 
HETATM 533 O O3P    . PDI C 3 . ? -3.186  -0.877 -0.926 1.00 0.81 ? 17 PDI B O3P    1 
HETATM 534 P P      . PDI C 3 . ? -2.498  0.482  -0.926 1.00 0.69 ? 17 PDI B P      1 
HETATM 535 O O1P    . PDI C 3 . ? -3.861  0.633  -0.370 1.00 0.81 ? 17 PDI B O1P    1 
HETATM 536 O O2P    . PDI C 3 . ? -2.212  -0.570 -1.923 1.00 0.82 ? 17 PDI B O2P    1 
HETATM 537 O OA     . PDI C 3 . ? -1.475  0.302  0.290  1.00 0.80 ? 17 PDI B OA     1 
HETATM 538 C CA     . PDI C 3 . ? 0.000   0.000  0.000  1.00 1.07 ? 17 PDI B CA     1 
HETATM 539 C CB     . PDI C 3 . ? 0.432   -1.216 0.821  1.00 1.62 ? 17 PDI B CB     1 
HETATM 540 C CG     . PDI C 3 . ? 0.288   -2.472 -0.057 1.00 2.48 ? 17 PDI B CG     1 
HETATM 541 O OG     . PDI C 3 . ? 1.158   -3.494 0.434  1.00 2.93 ? 17 PDI B OG     1 
HETATM 542 H HOP3   . PDI C 3 . ? -4.038  -0.811 -0.243 1.00 0.81 ? 17 PDI B HOP3   1 
HETATM 543 H HOP2   . PDI C 3 . ? -2.259  -0.481 -2.536 1.00 0.81 ? 17 PDI B HOP2   1 
HETATM 544 H HA1    . PDI C 3 . ? 0.608   0.864  0.267  1.00 1.46 ? 17 PDI B HA1    1 
HETATM 545 H HA2    . PDI C 3 . ? 0.124   -0.221 -1.061 1.00 1.55 ? 17 PDI B HA2    1 
HETATM 546 H HB1    . PDI C 3 . ? -0.204  -1.302 1.704  1.00 2.07 ? 17 PDI B HB1    1 
HETATM 547 H HB2    . PDI C 3 . ? 1.470   -1.099 1.123  1.00 1.98 ? 17 PDI B HB2    1 
HETATM 548 H HG1    . PDI C 3 . ? 0.562   -2.226 -1.083 1.00 2.90 ? 17 PDI B HG1    1 
HETATM 549 H HG2    . PDI C 3 . ? -0.745  -2.823 -0.030 1.00 2.93 ? 17 PDI B HG2    1 
HETATM 550 H HGT    . PDI C 3 . ? 1.398   -3.299 1.343  1.00 3.29 ? 17 PDI B HGT    1 
# 
